data_4NAH
#
_entry.id   4NAH
#
_cell.length_a   68.476
_cell.length_b   105.360
_cell.length_c   79.980
_cell.angle_alpha   90.00
_cell.angle_beta   94.69
_cell.angle_gamma   90.00
#
_symmetry.space_group_name_H-M   'P 1 21 1'
#
loop_
_entity.id
_entity.type
_entity.pdbx_description
1 polymer 'Phosphopantetheine adenylyltransferase'
2 non-polymer 'PHOSPHOTHIOPHOSPHORIC ACID-ADENYLATE ESTER'
3 non-polymer '2-[(2-{(1S,2S)-2-[(3,4-dichlorobenzyl)carbamoyl]cyclohexyl}-6-ethylpyrimidin-4-yl)sulfanyl]-1H-imidazole-5-carboxylic acid'
4 water water
#
_entity_poly.entity_id   1
_entity_poly.type   'polypeptide(L)'
_entity_poly.pdbx_seq_one_letter_code
;MEHTIAVIPGSFDPITYGHLDIIERSTDRFDEIHVCVLKNSKKEGTFSLEERMDLIEQSVKHLPNVKVHQFSGLLVDYCE
QVGAKTIIRGLRAVSDFEYELRLTSMNKKLNNEIETLYMMSSTNYSFISSSIVKEVAAYRADISEFVPPYVEKALKKKFK
;
_entity_poly.pdbx_strand_id   A,B,C,D,E,F
#
loop_
_chem_comp.id
_chem_comp.type
_chem_comp.name
_chem_comp.formula
2VJ non-polymer '2-[(2-{(1S,2S)-2-[(3,4-dichlorobenzyl)carbamoyl]cyclohexyl}-6-ethylpyrimidin-4-yl)sulfanyl]-1H-imidazole-5-carboxylic acid' 'C24 H25 Cl2 N5 O3 S'
AGS non-polymer 'PHOSPHOTHIOPHOSPHORIC ACID-ADENYLATE ESTER' 'C10 H16 N5 O12 P3 S'
#
# COMPACT_ATOMS: atom_id res chain seq x y z
N GLU A 2 6.50 38.44 -10.49
CA GLU A 2 5.29 37.58 -10.49
C GLU A 2 5.08 36.80 -11.79
N HIS A 3 6.14 36.65 -12.59
CA HIS A 3 6.16 35.83 -13.80
C HIS A 3 5.63 34.39 -13.47
N THR A 4 6.01 33.81 -12.32
CA THR A 4 5.49 32.47 -11.99
C THR A 4 4.70 32.46 -10.70
N ILE A 5 3.60 31.72 -10.71
CA ILE A 5 2.83 31.57 -9.50
C ILE A 5 2.46 30.14 -9.27
N ALA A 6 2.56 29.77 -7.98
CA ALA A 6 2.11 28.49 -7.45
C ALA A 6 1.03 28.62 -6.38
N VAL A 7 0.04 27.73 -6.47
CA VAL A 7 -1.05 27.66 -5.52
C VAL A 7 -0.85 26.44 -4.59
N ILE A 8 -1.13 26.62 -3.30
CA ILE A 8 -0.96 25.57 -2.28
C ILE A 8 -2.30 25.51 -1.57
N PRO A 9 -3.18 24.60 -1.99
CA PRO A 9 -4.53 24.58 -1.48
C PRO A 9 -4.64 23.72 -0.26
N GLY A 10 -5.61 24.01 0.59
CA GLY A 10 -5.85 23.19 1.77
C GLY A 10 -6.95 23.67 2.70
N SER A 11 -7.37 22.78 3.57
CA SER A 11 -8.28 23.15 4.65
C SER A 11 -7.57 24.02 5.66
N PHE A 12 -6.41 23.56 6.13
CA PHE A 12 -5.63 24.27 7.14
C PHE A 12 -6.41 24.52 8.38
N ASP A 13 -6.79 23.45 9.08
CA ASP A 13 -7.74 23.52 10.19
C ASP A 13 -7.17 22.92 11.49
N PRO A 14 -6.14 23.53 12.06
CA PRO A 14 -5.39 24.71 11.69
C PRO A 14 -4.13 24.36 10.93
N ILE A 15 -3.42 25.38 10.47
CA ILE A 15 -2.13 25.15 9.84
C ILE A 15 -1.14 24.66 10.89
N THR A 16 -0.18 23.82 10.46
CA THR A 16 0.83 23.19 11.31
C THR A 16 2.19 23.41 10.69
N TYR A 17 3.25 22.93 11.38
CA TYR A 17 4.60 23.00 10.78
C TYR A 17 4.76 22.05 9.62
N GLY A 18 3.91 21.05 9.56
CA GLY A 18 3.83 20.21 8.39
C GLY A 18 3.46 21.02 7.17
N HIS A 19 2.36 21.75 7.25
CA HIS A 19 1.93 22.50 6.08
C HIS A 19 3.05 23.48 5.76
N LEU A 20 3.58 24.09 6.81
CA LEU A 20 4.43 25.26 6.70
C LEU A 20 5.78 24.89 6.09
N ASP A 21 6.28 23.72 6.44
CA ASP A 21 7.47 23.21 5.77
C ASP A 21 7.29 23.12 4.21
N ILE A 22 6.15 22.58 3.75
CA ILE A 22 5.84 22.58 2.32
C ILE A 22 5.90 24.00 1.71
N ILE A 23 5.21 24.94 2.37
CA ILE A 23 5.20 26.33 1.90
C ILE A 23 6.63 26.91 1.86
N GLU A 24 7.44 26.58 2.85
CA GLU A 24 8.79 27.16 2.97
C GLU A 24 9.70 26.66 1.90
N ARG A 25 9.60 25.37 1.62
CA ARG A 25 10.35 24.75 0.57
C ARG A 25 9.90 25.20 -0.82
N SER A 26 8.77 25.89 -0.93
CA SER A 26 8.25 26.36 -2.21
C SER A 26 8.61 27.79 -2.57
N THR A 27 8.63 28.67 -1.56
CA THR A 27 8.82 30.13 -1.73
C THR A 27 9.94 30.53 -2.67
N ASP A 28 11.03 29.79 -2.72
CA ASP A 28 12.19 30.21 -3.52
C ASP A 28 12.17 29.64 -4.92
N ARG A 29 11.12 28.90 -5.28
CA ARG A 29 11.07 28.25 -6.57
C ARG A 29 10.08 28.90 -7.54
N PHE A 30 9.23 29.80 -7.03
CA PHE A 30 8.26 30.54 -7.80
C PHE A 30 8.33 32.01 -7.32
N ASP A 31 7.95 32.95 -8.18
CA ASP A 31 7.94 34.36 -7.77
C ASP A 31 6.89 34.65 -6.69
N GLU A 32 5.77 33.94 -6.74
CA GLU A 32 4.60 34.23 -5.87
C GLU A 32 3.98 32.87 -5.44
N ILE A 33 3.65 32.72 -4.18
CA ILE A 33 2.95 31.55 -3.64
C ILE A 33 1.60 32.03 -3.15
N HIS A 34 0.50 31.43 -3.62
CA HIS A 34 -0.82 31.72 -3.06
C HIS A 34 -1.31 30.53 -2.25
N VAL A 35 -1.53 30.70 -0.97
CA VAL A 35 -2.12 29.67 -0.14
C VAL A 35 -3.64 29.87 -0.22
N CYS A 36 -4.38 28.89 -0.80
CA CYS A 36 -5.85 28.97 -0.95
CA CYS A 36 -5.91 29.02 -0.88
C CYS A 36 -6.65 28.06 -0.06
N VAL A 37 -7.79 28.57 0.38
CA VAL A 37 -8.71 27.87 1.27
C VAL A 37 -10.09 27.91 0.62
N LEU A 38 -10.85 26.83 0.72
CA LEU A 38 -12.19 26.81 0.12
C LEU A 38 -13.21 27.58 0.97
N LYS A 39 -13.84 28.56 0.34
CA LYS A 39 -14.96 29.31 0.95
C LYS A 39 -16.28 28.59 0.69
N ASN A 40 -17.16 28.64 1.70
CA ASN A 40 -18.44 27.90 1.72
C ASN A 40 -18.21 26.46 1.39
N SER A 41 -17.21 25.88 2.03
CA SER A 41 -17.13 24.44 2.15
C SER A 41 -18.38 24.14 2.97
N LYS A 42 -18.39 23.00 3.64
CA LYS A 42 -19.26 22.83 4.82
C LYS A 42 -18.80 21.60 5.59
N LYS A 43 -19.27 21.46 6.82
CA LYS A 43 -18.70 20.47 7.77
C LYS A 43 -17.52 21.12 8.54
N GLU A 44 -17.62 22.41 8.90
CA GLU A 44 -16.62 23.03 9.79
C GLU A 44 -17.18 24.10 10.77
N GLY A 45 -16.57 24.31 11.96
CA GLY A 45 -15.63 23.38 12.70
C GLY A 45 -14.31 22.83 12.13
N THR A 46 -13.19 22.88 12.87
CA THR A 46 -13.03 23.40 14.22
C THR A 46 -12.97 24.93 14.23
N PHE A 47 -12.40 25.49 13.17
CA PHE A 47 -12.18 26.91 13.06
C PHE A 47 -12.90 27.37 11.85
N SER A 48 -13.39 28.60 11.92
CA SER A 48 -14.03 29.24 10.78
C SER A 48 -13.03 29.69 9.71
N LEU A 49 -13.56 29.90 8.51
CA LEU A 49 -12.78 30.37 7.37
C LEU A 49 -11.88 31.53 7.74
N GLU A 50 -12.51 32.57 8.27
CA GLU A 50 -11.87 33.79 8.72
C GLU A 50 -10.83 33.52 9.79
N GLU A 51 -11.15 32.72 10.80
CA GLU A 51 -10.12 32.28 11.75
C GLU A 51 -8.97 31.53 11.08
N ARG A 52 -9.30 30.63 10.16
CA ARG A 52 -8.27 29.80 9.51
C ARG A 52 -7.32 30.65 8.68
N MET A 53 -7.89 31.60 7.94
CA MET A 53 -7.12 32.55 7.17
C MET A 53 -6.27 33.44 8.06
N ASP A 54 -6.81 33.88 9.17
CA ASP A 54 -6.05 34.71 10.11
C ASP A 54 -4.85 33.94 10.63
N LEU A 55 -5.07 32.70 11.03
CA LEU A 55 -4.01 31.81 11.48
C LEU A 55 -2.88 31.57 10.45
N ILE A 56 -3.24 31.41 9.18
CA ILE A 56 -2.25 31.15 8.15
C ILE A 56 -1.43 32.39 7.86
N GLU A 57 -2.11 33.48 7.55
CA GLU A 57 -1.39 34.72 7.23
C GLU A 57 -0.34 35.13 8.30
N GLN A 58 -0.63 34.92 9.58
CA GLN A 58 0.34 35.16 10.64
C GLN A 58 1.46 34.14 10.67
N SER A 59 1.19 32.87 10.35
CA SER A 59 2.22 31.85 10.37
C SER A 59 3.14 31.99 9.19
N VAL A 60 2.69 32.64 8.12
CA VAL A 60 3.52 32.85 6.93
C VAL A 60 4.03 34.28 6.72
N LYS A 61 3.58 35.22 7.56
CA LYS A 61 4.11 36.60 7.66
C LYS A 61 5.54 36.75 7.20
N HIS A 62 6.41 35.95 7.80
CA HIS A 62 7.84 36.07 7.53
C HIS A 62 8.32 35.65 6.15
N LEU A 63 7.43 35.20 5.27
CA LEU A 63 7.80 34.77 3.91
C LEU A 63 7.24 35.81 2.93
N PRO A 64 8.11 36.68 2.41
CA PRO A 64 7.58 37.90 1.76
C PRO A 64 6.75 37.64 0.51
N ASN A 65 6.98 36.54 -0.18
CA ASN A 65 6.16 36.27 -1.34
C ASN A 65 4.92 35.33 -1.15
N VAL A 66 4.41 35.18 0.08
CA VAL A 66 3.26 34.31 0.32
C VAL A 66 2.00 35.05 0.76
N LYS A 67 0.99 35.00 -0.10
CA LYS A 67 -0.30 35.63 0.11
C LYS A 67 -1.37 34.57 0.40
N VAL A 68 -2.40 34.98 1.12
CA VAL A 68 -3.48 34.09 1.50
C VAL A 68 -4.74 34.57 0.87
N HIS A 69 -5.44 33.65 0.20
CA HIS A 69 -6.68 33.95 -0.49
C HIS A 69 -7.70 32.84 -0.29
N GLN A 70 -8.97 33.18 -0.52
CA GLN A 70 -10.09 32.26 -0.46
C GLN A 70 -10.79 32.25 -1.80
N PHE A 71 -11.48 31.18 -2.11
CA PHE A 71 -12.18 31.07 -3.35
C PHE A 71 -13.30 30.10 -3.15
N SER A 72 -14.40 30.30 -3.84
CA SER A 72 -15.51 29.42 -3.64
C SER A 72 -15.79 28.50 -4.83
N GLY A 73 -15.15 28.75 -5.97
CA GLY A 73 -15.20 27.85 -7.12
C GLY A 73 -14.15 26.75 -7.17
N LEU A 74 -13.99 26.14 -8.34
CA LEU A 74 -12.99 25.12 -8.61
C LEU A 74 -11.58 25.64 -8.54
N LEU A 75 -10.68 24.85 -7.94
CA LEU A 75 -9.28 25.20 -7.84
C LEU A 75 -8.67 25.55 -9.17
N VAL A 76 -8.89 24.71 -10.16
CA VAL A 76 -8.26 24.97 -11.43
C VAL A 76 -8.71 26.30 -12.06
N ASP A 77 -9.90 26.76 -11.72
CA ASP A 77 -10.33 28.10 -12.15
C ASP A 77 -9.67 29.27 -11.37
N TYR A 78 -9.48 29.13 -10.07
CA TYR A 78 -8.70 30.06 -9.32
C TYR A 78 -7.32 30.22 -9.93
N CYS A 79 -6.77 29.12 -10.44
CA CYS A 79 -5.46 29.12 -11.01
C CYS A 79 -5.44 29.92 -12.31
N GLU A 80 -6.33 29.63 -13.25
CA GLU A 80 -6.33 30.39 -14.49
C GLU A 80 -6.68 31.87 -14.18
N GLN A 81 -7.53 32.12 -13.19
CA GLN A 81 -7.85 33.50 -12.76
C GLN A 81 -6.62 34.35 -12.40
N VAL A 82 -5.66 33.70 -11.78
CA VAL A 82 -4.55 34.33 -11.10
C VAL A 82 -3.28 34.14 -11.93
N GLY A 83 -3.34 33.38 -13.01
CA GLY A 83 -2.15 33.08 -13.80
C GLY A 83 -1.23 31.91 -13.34
N ALA A 84 -1.63 31.15 -12.33
CA ALA A 84 -0.86 30.00 -11.84
C ALA A 84 -0.94 28.76 -12.73
N LYS A 85 0.21 28.20 -13.09
CA LYS A 85 0.35 26.99 -13.87
C LYS A 85 0.58 25.71 -13.02
N THR A 86 0.61 25.88 -11.72
CA THR A 86 1.17 24.87 -10.85
C THR A 86 0.47 24.83 -9.49
N ILE A 87 0.07 23.64 -9.08
CA ILE A 87 -0.48 23.40 -7.75
C ILE A 87 0.57 22.61 -7.03
N ILE A 88 0.76 22.90 -5.74
CA ILE A 88 1.71 22.18 -4.89
C ILE A 88 0.96 21.48 -3.76
N ARG A 89 1.25 20.19 -3.60
CA ARG A 89 0.68 19.39 -2.54
C ARG A 89 1.79 18.57 -1.86
N GLY A 90 1.54 18.20 -0.62
CA GLY A 90 2.50 17.47 0.18
C GLY A 90 2.04 16.05 0.36
N LEU A 91 2.98 15.10 0.37
CA LEU A 91 2.68 13.67 0.59
C LEU A 91 3.37 13.19 1.85
N ARG A 92 2.62 12.50 2.70
CA ARG A 92 3.17 11.87 3.90
C ARG A 92 3.18 10.35 3.80
N ALA A 93 2.36 9.76 2.97
CA ALA A 93 2.10 8.33 3.11
C ALA A 93 1.38 7.82 1.92
N VAL A 94 1.30 6.50 1.85
CA VAL A 94 0.65 5.83 0.78
C VAL A 94 -0.80 6.27 0.62
N SER A 95 -1.51 6.50 1.72
CA SER A 95 -2.91 6.94 1.69
C SER A 95 -3.09 8.32 1.07
N ASP A 96 -2.23 9.26 1.41
CA ASP A 96 -2.18 10.54 0.67
C ASP A 96 -1.95 10.35 -0.81
N PHE A 97 -1.00 9.48 -1.17
CA PHE A 97 -0.60 9.27 -2.53
C PHE A 97 -1.81 8.83 -3.37
N GLU A 98 -2.55 7.85 -2.88
CA GLU A 98 -3.74 7.35 -3.60
C GLU A 98 -4.87 8.36 -3.68
N TYR A 99 -5.09 9.07 -2.59
CA TYR A 99 -6.03 10.18 -2.59
C TYR A 99 -5.64 11.25 -3.63
N GLU A 100 -4.39 11.64 -3.67
CA GLU A 100 -3.95 12.72 -4.57
C GLU A 100 -3.94 12.23 -6.03
N LEU A 101 -3.60 10.97 -6.26
CA LEU A 101 -3.70 10.43 -7.60
C LEU A 101 -5.11 10.64 -8.20
N ARG A 102 -6.15 10.32 -7.43
CA ARG A 102 -7.52 10.55 -7.88
C ARG A 102 -7.88 12.03 -8.16
N LEU A 103 -7.58 12.93 -7.22
CA LEU A 103 -7.85 14.35 -7.40
C LEU A 103 -7.23 14.96 -8.66
N THR A 104 -5.97 14.63 -8.93
CA THR A 104 -5.19 15.17 -10.01
C THR A 104 -5.63 14.61 -11.38
N SER A 105 -6.03 13.34 -11.44
CA SER A 105 -6.61 12.78 -12.68
C SER A 105 -7.89 13.53 -13.06
N MET A 106 -8.73 13.82 -12.07
CA MET A 106 -9.89 14.65 -12.29
C MET A 106 -9.49 16.10 -12.66
N ASN A 107 -8.70 16.73 -11.81
CA ASN A 107 -8.21 18.04 -12.15
C ASN A 107 -7.66 18.17 -13.59
N LYS A 108 -6.94 17.19 -14.07
CA LYS A 108 -6.45 17.19 -15.45
C LYS A 108 -7.52 17.13 -16.56
N LYS A 109 -8.71 16.58 -16.29
CA LYS A 109 -9.85 16.61 -17.22
C LYS A 109 -10.56 17.97 -17.09
N LEU A 110 -10.47 18.58 -15.93
CA LEU A 110 -11.00 19.92 -15.75
C LEU A 110 -10.13 20.99 -16.45
N ASN A 111 -8.82 20.81 -16.47
CA ASN A 111 -7.95 21.81 -17.05
C ASN A 111 -6.59 21.17 -17.23
N ASN A 112 -6.28 20.91 -18.49
CA ASN A 112 -5.14 20.18 -18.89
C ASN A 112 -3.83 20.99 -18.77
N GLU A 113 -3.88 22.30 -18.62
CA GLU A 113 -2.60 23.03 -18.46
C GLU A 113 -2.22 23.30 -17.00
N ILE A 114 -3.00 22.90 -16.00
CA ILE A 114 -2.50 23.02 -14.64
C ILE A 114 -1.77 21.75 -14.33
N GLU A 115 -0.57 21.88 -13.76
CA GLU A 115 0.17 20.73 -13.23
C GLU A 115 0.12 20.75 -11.73
N THR A 116 0.10 19.57 -11.13
CA THR A 116 0.22 19.43 -9.70
C THR A 116 1.58 18.81 -9.42
N LEU A 117 2.38 19.47 -8.60
CA LEU A 117 3.69 18.90 -8.20
C LEU A 117 3.64 18.49 -6.73
N TYR A 118 4.25 17.38 -6.40
CA TYR A 118 4.14 16.83 -5.06
C TYR A 118 5.48 16.95 -4.43
N MET A 119 5.51 17.20 -3.13
CA MET A 119 6.74 17.21 -2.34
C MET A 119 6.57 16.25 -1.20
N MET A 120 7.59 15.46 -0.91
CA MET A 120 7.52 14.61 0.24
C MET A 120 7.64 15.45 1.50
N SER A 121 6.81 15.12 2.48
CA SER A 121 6.93 15.65 3.82
C SER A 121 8.33 15.38 4.35
N SER A 122 8.90 16.34 5.06
CA SER A 122 10.13 16.05 5.80
C SER A 122 9.96 14.89 6.79
N THR A 123 11.04 14.19 7.03
CA THR A 123 11.00 13.10 7.97
C THR A 123 10.44 13.53 9.36
N ASN A 124 10.85 14.67 9.89
CA ASN A 124 10.34 15.08 11.23
C ASN A 124 8.86 15.40 11.32
N TYR A 125 8.27 15.92 10.24
CA TYR A 125 6.84 16.31 10.22
C TYR A 125 5.86 15.29 9.60
N SER A 126 6.36 14.17 9.12
CA SER A 126 5.51 13.24 8.37
C SER A 126 4.27 12.77 9.15
N PHE A 127 4.40 12.63 10.45
CA PHE A 127 3.29 12.17 11.25
C PHE A 127 2.28 13.26 11.60
N ILE A 128 2.57 14.51 11.28
CA ILE A 128 1.69 15.59 11.67
C ILE A 128 0.47 15.79 10.75
N SER A 129 -0.71 15.85 11.37
CA SER A 129 -1.97 16.28 10.74
C SER A 129 -2.66 17.28 11.67
N SER A 130 -3.48 18.15 11.12
CA SER A 130 -4.35 18.94 11.95
C SER A 130 -5.18 18.10 12.90
N SER A 131 -5.70 16.97 12.45
CA SER A 131 -6.62 16.13 13.24
C SER A 131 -5.99 15.71 14.54
N ILE A 132 -4.71 15.37 14.48
CA ILE A 132 -4.07 14.79 15.60
C ILE A 132 -3.41 15.83 16.51
N VAL A 133 -2.98 16.96 15.97
CA VAL A 133 -2.66 18.14 16.78
C VAL A 133 -3.83 18.48 17.71
N LYS A 134 -5.03 18.51 17.14
CA LYS A 134 -6.25 18.76 17.91
C LYS A 134 -6.70 17.70 18.94
N GLU A 135 -6.45 16.39 18.70
CA GLU A 135 -6.71 15.43 19.74
C GLU A 135 -5.83 15.83 20.93
N VAL A 136 -4.55 16.05 20.64
CA VAL A 136 -3.56 16.32 21.67
C VAL A 136 -3.87 17.60 22.47
N ALA A 137 -4.21 18.67 21.77
CA ALA A 137 -4.69 19.88 22.41
C ALA A 137 -5.96 19.66 23.28
N ALA A 138 -6.81 18.70 22.92
CA ALA A 138 -8.02 18.41 23.69
C ALA A 138 -7.72 17.76 25.05
N TYR A 139 -6.50 17.24 25.22
CA TYR A 139 -6.03 16.71 26.49
C TYR A 139 -5.00 17.67 27.08
N ARG A 140 -5.18 18.96 26.82
CA ARG A 140 -4.32 20.02 27.37
C ARG A 140 -2.81 19.72 27.28
N ALA A 141 -2.37 18.84 26.40
CA ALA A 141 -0.92 18.55 26.33
C ALA A 141 -0.18 19.58 25.45
N ASP A 142 1.15 19.53 25.45
CA ASP A 142 2.00 20.54 24.80
C ASP A 142 2.12 20.26 23.30
N ILE A 143 2.04 21.33 22.51
CA ILE A 143 1.99 21.19 21.07
C ILE A 143 2.94 22.14 20.33
N SER A 144 3.78 22.85 21.07
CA SER A 144 4.71 23.84 20.49
C SER A 144 5.62 23.22 19.45
N GLU A 145 5.90 21.94 19.58
CA GLU A 145 6.75 21.26 18.60
C GLU A 145 6.04 20.96 17.22
N PHE A 146 4.73 21.18 17.12
CA PHE A 146 3.91 20.82 15.95
C PHE A 146 3.29 22.00 15.20
N VAL A 147 2.97 23.08 15.91
CA VAL A 147 2.33 24.26 15.32
C VAL A 147 3.06 25.54 15.73
N PRO A 148 2.95 26.60 14.91
CA PRO A 148 3.61 27.86 15.30
C PRO A 148 2.92 28.54 16.50
N PRO A 149 3.66 29.42 17.22
CA PRO A 149 3.15 29.99 18.50
C PRO A 149 1.74 30.59 18.50
N TYR A 150 1.42 31.38 17.48
CA TYR A 150 0.08 31.96 17.37
C TYR A 150 -1.03 30.91 17.07
N VAL A 151 -0.68 29.76 16.48
CA VAL A 151 -1.65 28.71 16.28
C VAL A 151 -1.81 27.96 17.57
N GLU A 152 -0.69 27.70 18.22
CA GLU A 152 -0.74 27.12 19.55
C GLU A 152 -1.74 27.86 20.47
N LYS A 153 -1.67 29.20 20.50
CA LYS A 153 -2.54 29.98 21.37
C LYS A 153 -4.00 29.84 20.98
N ALA A 154 -4.30 29.85 19.68
CA ALA A 154 -5.70 29.70 19.25
C ALA A 154 -6.27 28.37 19.71
N LEU A 155 -5.40 27.38 19.79
CA LEU A 155 -5.79 26.04 20.12
C LEU A 155 -6.05 25.94 21.63
N LYS A 156 -5.18 26.53 22.44
CA LYS A 156 -5.44 26.56 23.90
C LYS A 156 -6.78 27.25 24.21
N LYS A 157 -7.02 28.43 23.65
CA LYS A 157 -8.33 29.14 23.83
C LYS A 157 -9.51 28.20 23.58
N LYS A 158 -9.45 27.50 22.45
CA LYS A 158 -10.55 26.64 22.00
C LYS A 158 -10.70 25.36 22.81
N PHE A 159 -9.61 24.79 23.32
CA PHE A 159 -9.75 23.57 24.14
C PHE A 159 -9.53 23.90 25.63
N LYS A 160 -9.62 25.19 25.95
CA LYS A 160 -9.47 25.69 27.31
C LYS A 160 -8.12 25.26 27.92
N MET B 1 -23.04 -23.97 -20.19
CA MET B 1 -22.89 -23.89 -18.70
C MET B 1 -24.27 -24.24 -18.08
N GLU B 2 -24.57 -23.71 -16.87
CA GLU B 2 -25.90 -23.90 -16.18
C GLU B 2 -26.90 -22.80 -16.62
N HIS B 3 -27.97 -22.52 -15.86
CA HIS B 3 -28.57 -21.17 -15.99
C HIS B 3 -27.81 -20.21 -15.03
N THR B 4 -26.85 -19.43 -15.52
CA THR B 4 -25.95 -18.70 -14.62
C THR B 4 -26.40 -17.29 -14.37
N ILE B 5 -26.24 -16.88 -13.12
CA ILE B 5 -26.52 -15.53 -12.73
C ILE B 5 -25.32 -14.99 -11.97
N ALA B 6 -25.06 -13.69 -12.15
CA ALA B 6 -24.02 -12.97 -11.43
C ALA B 6 -24.61 -11.72 -10.79
N VAL B 7 -24.19 -11.45 -9.55
CA VAL B 7 -24.77 -10.35 -8.83
C VAL B 7 -23.68 -9.30 -8.73
N ILE B 8 -24.03 -8.05 -9.01
CA ILE B 8 -23.12 -6.92 -8.99
C ILE B 8 -23.71 -5.91 -8.02
N PRO B 9 -23.22 -5.89 -6.77
CA PRO B 9 -23.74 -5.00 -5.74
C PRO B 9 -23.04 -3.66 -5.67
N GLY B 10 -23.65 -2.72 -4.98
CA GLY B 10 -23.07 -1.42 -4.73
C GLY B 10 -24.11 -0.44 -4.26
N SER B 11 -23.65 0.72 -3.84
CA SER B 11 -24.50 1.86 -3.54
C SER B 11 -25.06 2.56 -4.76
N PHE B 12 -24.20 2.75 -5.79
CA PHE B 12 -24.57 3.40 -7.06
C PHE B 12 -25.24 4.80 -6.84
N ASP B 13 -24.52 5.75 -6.25
CA ASP B 13 -25.11 6.97 -5.73
C ASP B 13 -24.49 8.23 -6.30
N PRO B 14 -24.60 8.45 -7.62
CA PRO B 14 -25.22 7.69 -8.67
C PRO B 14 -24.28 6.71 -9.38
N ILE B 15 -24.88 5.80 -10.16
CA ILE B 15 -24.13 5.00 -11.11
C ILE B 15 -23.38 5.88 -12.09
N THR B 16 -22.19 5.44 -12.44
CA THR B 16 -21.28 6.15 -13.33
C THR B 16 -20.86 5.26 -14.48
N TYR B 17 -20.22 5.84 -15.47
CA TYR B 17 -19.56 5.01 -16.49
C TYR B 17 -18.54 3.95 -15.90
N GLY B 18 -17.90 4.26 -14.76
CA GLY B 18 -17.04 3.32 -14.05
C GLY B 18 -17.81 2.03 -13.71
N HIS B 19 -18.96 2.18 -13.06
CA HIS B 19 -19.84 1.05 -12.81
C HIS B 19 -20.32 0.38 -14.08
N LEU B 20 -20.68 1.18 -15.08
CA LEU B 20 -21.28 0.63 -16.29
C LEU B 20 -20.28 -0.18 -17.04
N ASP B 21 -19.03 0.26 -17.03
CA ASP B 21 -17.95 -0.52 -17.67
C ASP B 21 -17.94 -1.97 -17.15
N ILE B 22 -17.88 -2.12 -15.82
CA ILE B 22 -17.90 -3.44 -15.16
C ILE B 22 -19.15 -4.27 -15.53
N ILE B 23 -20.28 -3.61 -15.51
CA ILE B 23 -21.53 -4.26 -15.87
C ILE B 23 -21.49 -4.75 -17.33
N GLU B 24 -21.00 -3.92 -18.25
CA GLU B 24 -20.99 -4.29 -19.68
C GLU B 24 -20.01 -5.41 -19.96
N ARG B 25 -18.84 -5.37 -19.31
CA ARG B 25 -17.85 -6.41 -19.49
C ARG B 25 -18.36 -7.72 -18.88
N SER B 26 -19.44 -7.69 -18.11
CA SER B 26 -19.92 -8.94 -17.50
C SER B 26 -21.08 -9.60 -18.24
N THR B 27 -21.85 -8.80 -18.97
CA THR B 27 -23.13 -9.19 -19.51
C THR B 27 -23.10 -10.39 -20.49
N ASP B 28 -22.04 -10.53 -21.27
CA ASP B 28 -21.86 -11.67 -22.16
C ASP B 28 -21.26 -12.92 -21.50
N ARG B 29 -21.01 -12.90 -20.17
CA ARG B 29 -20.41 -14.02 -19.47
C ARG B 29 -21.37 -14.76 -18.59
N PHE B 30 -22.62 -14.33 -18.50
CA PHE B 30 -23.57 -14.97 -17.64
C PHE B 30 -24.89 -14.82 -18.33
N ASP B 31 -25.81 -15.73 -18.07
CA ASP B 31 -27.11 -15.65 -18.70
C ASP B 31 -27.81 -14.39 -18.24
N GLU B 32 -27.63 -14.04 -16.98
CA GLU B 32 -28.39 -12.96 -16.36
C GLU B 32 -27.52 -12.21 -15.33
N ILE B 33 -27.57 -10.88 -15.37
CA ILE B 33 -26.85 -10.04 -14.41
C ILE B 33 -27.80 -9.37 -13.48
N HIS B 34 -27.55 -9.44 -12.18
CA HIS B 34 -28.39 -8.70 -11.23
C HIS B 34 -27.62 -7.59 -10.58
N VAL B 35 -28.06 -6.36 -10.80
CA VAL B 35 -27.48 -5.22 -10.16
C VAL B 35 -28.27 -5.04 -8.91
N CYS B 36 -27.62 -5.20 -7.77
CA CYS B 36 -28.30 -5.25 -6.51
C CYS B 36 -27.90 -4.06 -5.60
N VAL B 37 -28.87 -3.56 -4.83
CA VAL B 37 -28.68 -2.45 -3.91
C VAL B 37 -29.29 -2.85 -2.58
N LEU B 38 -28.72 -2.37 -1.48
CA LEU B 38 -29.23 -2.69 -0.16
C LEU B 38 -30.35 -1.73 0.16
N LYS B 39 -31.45 -2.30 0.65
CA LYS B 39 -32.64 -1.58 1.13
C LYS B 39 -32.50 -1.34 2.66
N ASN B 40 -32.98 -0.19 3.17
CA ASN B 40 -32.82 0.21 4.60
C ASN B 40 -31.41 0.34 5.01
N SER B 41 -30.66 1.10 4.22
CA SER B 41 -29.22 1.23 4.41
C SER B 41 -28.84 1.91 5.72
N LYS B 42 -29.64 2.86 6.19
CA LYS B 42 -29.23 3.71 7.34
C LYS B 42 -27.77 4.24 7.14
N LYS B 43 -27.51 4.73 5.93
CA LYS B 43 -26.24 5.37 5.51
C LYS B 43 -26.48 6.70 4.73
N GLU B 44 -27.72 6.86 4.25
CA GLU B 44 -28.17 7.93 3.33
C GLU B 44 -27.09 8.80 2.65
N GLY B 45 -26.95 8.62 1.34
CA GLY B 45 -26.18 9.53 0.54
C GLY B 45 -27.06 10.65 0.00
N THR B 46 -26.99 10.85 -1.30
CA THR B 46 -27.56 12.00 -1.97
C THR B 46 -28.88 11.68 -2.59
N PHE B 47 -28.97 10.53 -3.25
CA PHE B 47 -30.19 10.13 -3.92
C PHE B 47 -30.85 9.01 -3.13
N SER B 48 -32.18 8.99 -3.10
CA SER B 48 -32.93 7.96 -2.38
C SER B 48 -32.77 6.62 -3.07
N LEU B 49 -33.14 5.54 -2.41
CA LEU B 49 -33.08 4.19 -3.00
C LEU B 49 -33.87 4.12 -4.30
N GLU B 50 -34.98 4.85 -4.33
CA GLU B 50 -35.91 4.79 -5.47
C GLU B 50 -35.28 5.49 -6.65
N GLU B 51 -34.79 6.71 -6.42
CA GLU B 51 -34.03 7.45 -7.45
C GLU B 51 -32.85 6.63 -7.98
N ARG B 52 -32.06 6.06 -7.07
CA ARG B 52 -30.89 5.31 -7.50
C ARG B 52 -31.20 4.15 -8.41
N MET B 53 -32.31 3.45 -8.15
CA MET B 53 -32.70 2.31 -8.99
C MET B 53 -33.20 2.74 -10.34
N ASP B 54 -33.93 3.84 -10.36
CA ASP B 54 -34.42 4.39 -11.62
C ASP B 54 -33.22 4.78 -12.53
N LEU B 55 -32.27 5.51 -11.95
CA LEU B 55 -31.02 5.81 -12.67
C LEU B 55 -30.31 4.54 -13.22
N ILE B 56 -30.25 3.51 -12.44
CA ILE B 56 -29.62 2.29 -12.92
C ILE B 56 -30.41 1.71 -14.06
N GLU B 57 -31.71 1.62 -13.84
CA GLU B 57 -32.66 1.09 -14.82
C GLU B 57 -32.57 1.80 -16.16
N GLN B 58 -32.50 3.14 -16.15
CA GLN B 58 -32.35 3.90 -17.39
C GLN B 58 -30.99 3.74 -18.02
N SER B 59 -29.94 3.58 -17.22
CA SER B 59 -28.58 3.50 -17.80
C SER B 59 -28.21 2.13 -18.42
N VAL B 60 -28.89 1.08 -17.98
CA VAL B 60 -28.64 -0.26 -18.51
C VAL B 60 -29.68 -0.73 -19.51
N LYS B 61 -30.66 0.12 -19.85
CA LYS B 61 -31.74 -0.23 -20.79
C LYS B 61 -31.31 -0.95 -22.05
N HIS B 62 -30.15 -0.57 -22.58
CA HIS B 62 -29.57 -1.17 -23.79
C HIS B 62 -28.92 -2.56 -23.65
N LEU B 63 -28.98 -3.19 -22.48
CA LEU B 63 -28.49 -4.56 -22.31
C LEU B 63 -29.63 -5.49 -21.90
N PRO B 64 -30.08 -6.36 -22.80
CA PRO B 64 -31.28 -7.15 -22.45
C PRO B 64 -31.22 -7.98 -21.12
N ASN B 65 -30.06 -8.55 -20.78
CA ASN B 65 -30.01 -9.51 -19.68
C ASN B 65 -29.58 -8.95 -18.30
N VAL B 66 -29.80 -7.65 -18.04
CA VAL B 66 -29.44 -7.04 -16.75
C VAL B 66 -30.66 -6.62 -15.97
N LYS B 67 -30.73 -6.97 -14.69
CA LYS B 67 -31.86 -6.60 -13.88
C LYS B 67 -31.47 -5.90 -12.58
N VAL B 68 -32.35 -5.08 -12.11
CA VAL B 68 -32.02 -4.25 -11.02
C VAL B 68 -32.89 -4.65 -9.86
N HIS B 69 -32.28 -4.93 -8.71
CA HIS B 69 -33.00 -5.41 -7.54
C HIS B 69 -32.54 -4.83 -6.23
N GLN B 70 -33.38 -4.98 -5.21
CA GLN B 70 -33.09 -4.46 -3.87
C GLN B 70 -33.31 -5.55 -2.83
N PHE B 71 -32.70 -5.41 -1.68
CA PHE B 71 -32.65 -6.48 -0.68
C PHE B 71 -32.16 -5.71 0.54
N SER B 72 -32.75 -5.72 1.74
CA SER B 72 -33.38 -6.80 2.48
C SER B 72 -32.24 -7.14 3.47
N GLY B 73 -31.55 -8.27 3.32
CA GLY B 73 -30.40 -8.61 4.18
C GLY B 73 -29.02 -8.89 3.54
N LEU B 74 -28.38 -9.98 3.96
CA LEU B 74 -27.05 -10.30 3.55
C LEU B 74 -26.95 -10.60 2.07
N LEU B 75 -25.97 -9.99 1.41
CA LEU B 75 -25.74 -10.23 0.01
C LEU B 75 -25.67 -11.69 -0.35
N VAL B 76 -24.91 -12.50 0.40
CA VAL B 76 -24.82 -13.93 0.13
C VAL B 76 -26.14 -14.70 0.26
N ASP B 77 -27.09 -14.14 0.97
CA ASP B 77 -28.44 -14.69 1.05
C ASP B 77 -29.21 -14.39 -0.23
N TYR B 78 -29.08 -13.17 -0.77
CA TYR B 78 -29.76 -12.84 -2.05
C TYR B 78 -29.24 -13.80 -3.06
N CYS B 79 -27.93 -13.98 -3.07
CA CYS B 79 -27.32 -14.90 -4.00
C CYS B 79 -27.87 -16.33 -3.86
N GLU B 80 -28.03 -16.76 -2.60
CA GLU B 80 -28.58 -18.07 -2.29
C GLU B 80 -30.00 -18.18 -2.80
N GLN B 81 -30.80 -17.18 -2.48
CA GLN B 81 -32.20 -17.11 -2.88
C GLN B 81 -32.46 -17.10 -4.38
N VAL B 82 -31.62 -16.45 -5.17
CA VAL B 82 -31.90 -16.24 -6.59
C VAL B 82 -31.15 -17.25 -7.44
N GLY B 83 -30.36 -18.12 -6.81
CA GLY B 83 -29.56 -19.09 -7.53
C GLY B 83 -28.26 -18.59 -8.14
N ALA B 84 -27.73 -17.47 -7.68
CA ALA B 84 -26.47 -16.95 -8.26
C ALA B 84 -25.31 -17.49 -7.50
N LYS B 85 -24.20 -17.74 -8.19
CA LYS B 85 -22.99 -18.32 -7.61
C LYS B 85 -21.73 -17.38 -7.67
N THR B 86 -21.95 -16.16 -8.08
CA THR B 86 -20.87 -15.27 -8.39
C THR B 86 -21.29 -13.82 -8.10
N ILE B 87 -20.46 -13.13 -7.33
CA ILE B 87 -20.57 -11.73 -7.11
C ILE B 87 -19.45 -11.12 -7.93
N ILE B 88 -19.74 -9.98 -8.59
CA ILE B 88 -18.74 -9.24 -9.36
C ILE B 88 -18.48 -7.86 -8.75
N ARG B 89 -17.21 -7.52 -8.63
CA ARG B 89 -16.78 -6.24 -8.08
C ARG B 89 -15.65 -5.67 -8.91
N GLY B 90 -15.50 -4.36 -8.88
CA GLY B 90 -14.47 -3.62 -9.58
C GLY B 90 -13.35 -3.16 -8.64
N LEU B 91 -12.14 -3.04 -9.17
CA LEU B 91 -10.96 -2.68 -8.42
C LEU B 91 -10.30 -1.52 -9.16
N ARG B 92 -10.14 -0.39 -8.46
CA ARG B 92 -9.53 0.85 -8.99
C ARG B 92 -8.14 1.12 -8.43
N ALA B 93 -7.84 0.65 -7.25
CA ALA B 93 -6.71 1.16 -6.49
C ALA B 93 -6.54 0.25 -5.28
N VAL B 94 -5.43 0.43 -4.58
CA VAL B 94 -5.01 -0.46 -3.50
C VAL B 94 -6.00 -0.36 -2.37
N SER B 95 -6.45 0.87 -2.19
CA SER B 95 -7.55 1.15 -1.29
C SER B 95 -8.76 0.24 -1.52
N ASP B 96 -9.20 0.12 -2.77
CA ASP B 96 -10.28 -0.83 -3.05
C ASP B 96 -9.84 -2.28 -2.72
N PHE B 97 -8.61 -2.65 -3.06
CA PHE B 97 -8.16 -4.01 -2.88
C PHE B 97 -8.26 -4.48 -1.40
N GLU B 98 -7.74 -3.66 -0.54
CA GLU B 98 -7.65 -3.96 0.86
C GLU B 98 -9.03 -4.09 1.48
N TYR B 99 -9.90 -3.13 1.21
CA TYR B 99 -11.29 -3.17 1.62
C TYR B 99 -12.06 -4.44 1.12
N GLU B 100 -11.89 -4.74 -0.17
CA GLU B 100 -12.61 -5.81 -0.78
C GLU B 100 -12.09 -7.14 -0.22
N LEU B 101 -10.80 -7.21 0.10
CA LEU B 101 -10.24 -8.42 0.74
C LEU B 101 -10.92 -8.73 2.07
N ARG B 102 -11.10 -7.72 2.91
CA ARG B 102 -11.75 -7.91 4.19
C ARG B 102 -13.19 -8.40 3.99
N LEU B 103 -13.90 -7.82 3.05
CA LEU B 103 -15.30 -8.17 2.81
C LEU B 103 -15.50 -9.60 2.25
N THR B 104 -14.63 -10.04 1.34
CA THR B 104 -14.82 -11.38 0.78
C THR B 104 -14.35 -12.45 1.72
N SER B 105 -13.33 -12.19 2.54
CA SER B 105 -12.98 -13.20 3.57
C SER B 105 -14.18 -13.47 4.45
N MET B 106 -14.87 -12.43 4.92
CA MET B 106 -16.12 -12.60 5.64
C MET B 106 -17.23 -13.27 4.81
N ASN B 107 -17.49 -12.81 3.59
CA ASN B 107 -18.49 -13.48 2.79
C ASN B 107 -18.17 -14.97 2.61
N LYS B 108 -16.91 -15.31 2.51
CA LYS B 108 -16.50 -16.73 2.48
C LYS B 108 -16.89 -17.56 3.71
N LYS B 109 -16.71 -17.00 4.90
CA LYS B 109 -17.16 -17.64 6.13
C LYS B 109 -18.70 -17.68 6.15
N LEU B 110 -19.38 -16.71 5.55
CA LEU B 110 -20.84 -16.72 5.61
C LEU B 110 -21.50 -17.75 4.64
N ASN B 111 -20.97 -17.86 3.44
CA ASN B 111 -21.41 -18.85 2.50
C ASN B 111 -20.29 -19.12 1.53
N ASN B 112 -19.64 -20.25 1.75
CA ASN B 112 -18.50 -20.66 0.93
C ASN B 112 -18.85 -21.13 -0.46
N GLU B 113 -20.12 -21.25 -0.84
CA GLU B 113 -20.46 -21.60 -2.24
C GLU B 113 -20.55 -20.36 -3.17
N ILE B 114 -20.50 -19.13 -2.61
CA ILE B 114 -20.48 -17.95 -3.44
C ILE B 114 -19.07 -17.46 -3.62
N GLU B 115 -18.70 -17.33 -4.87
CA GLU B 115 -17.41 -16.84 -5.21
C GLU B 115 -17.51 -15.31 -5.59
N THR B 116 -16.48 -14.56 -5.31
CA THR B 116 -16.40 -13.18 -5.75
C THR B 116 -15.28 -13.07 -6.77
N LEU B 117 -15.61 -12.53 -7.93
CA LEU B 117 -14.60 -12.30 -8.99
C LEU B 117 -14.33 -10.80 -9.14
N TYR B 118 -13.06 -10.43 -9.35
CA TYR B 118 -12.68 -8.99 -9.50
C TYR B 118 -12.28 -8.62 -10.89
N MET B 119 -12.67 -7.42 -11.31
CA MET B 119 -12.19 -6.85 -12.56
C MET B 119 -11.49 -5.55 -12.26
N MET B 120 -10.42 -5.30 -13.01
CA MET B 120 -9.74 -4.02 -12.96
C MET B 120 -10.51 -3.01 -13.74
N SER B 121 -10.53 -1.80 -13.20
CA SER B 121 -11.09 -0.69 -13.87
C SER B 121 -10.29 -0.49 -15.16
N SER B 122 -10.93 -0.13 -16.23
CA SER B 122 -10.16 0.38 -17.38
C SER B 122 -9.44 1.66 -17.03
N THR B 123 -8.32 1.91 -17.67
CA THR B 123 -7.49 3.11 -17.43
C THR B 123 -8.23 4.45 -17.40
N ASN B 124 -9.10 4.70 -18.37
CA ASN B 124 -9.90 5.93 -18.42
C ASN B 124 -10.96 6.14 -17.32
N TYR B 125 -11.36 5.09 -16.62
CA TYR B 125 -12.30 5.26 -15.56
C TYR B 125 -11.76 4.93 -14.20
N SER B 126 -10.45 4.79 -14.06
CA SER B 126 -9.90 4.31 -12.80
C SER B 126 -10.05 5.33 -11.70
N PHE B 127 -10.06 6.60 -12.08
CA PHE B 127 -10.16 7.70 -11.11
C PHE B 127 -11.64 8.08 -10.84
N ILE B 128 -12.59 7.43 -11.49
CA ILE B 128 -14.00 7.74 -11.27
C ILE B 128 -14.60 7.07 -10.02
N SER B 129 -15.30 7.90 -9.26
CA SER B 129 -16.12 7.48 -8.17
C SER B 129 -17.34 8.38 -8.16
N SER B 130 -18.40 7.89 -7.51
CA SER B 130 -19.62 8.63 -7.40
C SER B 130 -19.37 9.90 -6.66
N SER B 131 -18.50 9.83 -5.69
CA SER B 131 -18.22 10.93 -4.85
C SER B 131 -17.55 12.12 -5.55
N ILE B 132 -16.58 11.86 -6.41
CA ILE B 132 -15.89 12.91 -7.05
C ILE B 132 -16.71 13.50 -8.24
N VAL B 133 -17.55 12.67 -8.85
CA VAL B 133 -18.49 13.15 -9.85
C VAL B 133 -19.49 14.15 -9.21
N LYS B 134 -19.89 13.88 -7.98
CA LYS B 134 -20.83 14.71 -7.26
C LYS B 134 -20.22 16.09 -6.98
N GLU B 135 -18.96 16.12 -6.57
CA GLU B 135 -18.26 17.35 -6.30
C GLU B 135 -18.13 18.16 -7.60
N VAL B 136 -17.79 17.53 -8.70
CA VAL B 136 -17.69 18.24 -9.95
C VAL B 136 -19.04 18.91 -10.30
N ALA B 137 -20.11 18.12 -10.12
CA ALA B 137 -21.50 18.55 -10.35
C ALA B 137 -21.92 19.73 -9.48
N ALA B 138 -21.52 19.76 -8.22
CA ALA B 138 -21.71 20.94 -7.38
C ALA B 138 -21.16 22.24 -8.04
N TYR B 139 -20.02 22.19 -8.71
CA TYR B 139 -19.51 23.35 -9.41
C TYR B 139 -20.03 23.47 -10.81
N ARG B 140 -20.91 22.57 -11.18
CA ARG B 140 -21.59 22.67 -12.46
C ARG B 140 -20.60 22.61 -13.62
N ALA B 141 -19.56 21.80 -13.47
CA ALA B 141 -18.68 21.59 -14.63
C ALA B 141 -19.27 20.45 -15.42
N ASP B 142 -18.68 20.16 -16.56
CA ASP B 142 -19.19 19.18 -17.48
C ASP B 142 -18.81 17.76 -17.01
N ILE B 143 -19.82 16.93 -16.79
CA ILE B 143 -19.68 15.58 -16.30
C ILE B 143 -20.12 14.54 -17.32
N SER B 144 -20.31 14.96 -18.57
CA SER B 144 -20.83 14.08 -19.59
C SER B 144 -19.87 12.96 -19.90
N GLU B 145 -18.60 13.13 -19.60
CA GLU B 145 -17.61 12.06 -19.84
C GLU B 145 -17.61 11.01 -18.70
N PHE B 146 -18.34 11.27 -17.61
CA PHE B 146 -18.30 10.49 -16.38
C PHE B 146 -19.55 9.72 -16.10
N VAL B 147 -20.69 10.30 -16.40
CA VAL B 147 -21.96 9.65 -16.15
C VAL B 147 -22.75 9.61 -17.44
N PRO B 148 -23.68 8.66 -17.58
CA PRO B 148 -24.51 8.56 -18.78
C PRO B 148 -25.59 9.65 -18.84
N PRO B 149 -26.15 9.95 -20.04
CA PRO B 149 -27.05 11.12 -20.23
C PRO B 149 -28.14 11.29 -19.19
N TYR B 150 -28.78 10.20 -18.77
CA TYR B 150 -29.87 10.30 -17.79
C TYR B 150 -29.39 10.61 -16.36
N VAL B 151 -28.26 10.07 -15.96
CA VAL B 151 -27.72 10.38 -14.62
C VAL B 151 -27.25 11.84 -14.60
N GLU B 152 -26.78 12.29 -15.74
CA GLU B 152 -26.30 13.67 -15.87
C GLU B 152 -27.44 14.66 -15.58
N LYS B 153 -28.60 14.41 -16.22
CA LYS B 153 -29.78 15.25 -16.02
C LYS B 153 -30.20 15.19 -14.57
N ALA B 154 -30.10 14.02 -13.93
CA ALA B 154 -30.53 13.93 -12.55
C ALA B 154 -29.58 14.72 -11.64
N LEU B 155 -28.33 14.78 -12.03
CA LEU B 155 -27.30 15.46 -11.26
C LEU B 155 -27.39 16.97 -11.45
N LYS B 156 -27.58 17.46 -12.66
CA LYS B 156 -27.77 18.93 -12.87
C LYS B 156 -28.97 19.48 -12.06
N LYS B 157 -30.06 18.73 -12.04
CA LYS B 157 -31.25 19.11 -11.25
C LYS B 157 -30.96 19.12 -9.72
N LYS B 158 -30.26 18.11 -9.26
CA LYS B 158 -29.95 17.98 -7.83
C LYS B 158 -29.09 19.12 -7.29
N PHE B 159 -28.22 19.68 -8.13
CA PHE B 159 -27.27 20.72 -7.73
C PHE B 159 -27.54 22.09 -8.34
N LYS B 160 -28.82 22.44 -8.51
CA LYS B 160 -29.31 23.83 -8.71
C LYS B 160 -30.67 23.82 -9.40
N MET C 1 14.55 -10.06 35.06
CA MET C 1 14.67 -8.58 35.04
C MET C 1 13.45 -7.94 35.65
N GLU C 2 13.45 -6.62 35.76
CA GLU C 2 12.39 -5.95 36.49
C GLU C 2 10.95 -6.32 36.07
N HIS C 3 9.98 -5.86 36.85
CA HIS C 3 8.58 -6.07 36.54
C HIS C 3 8.15 -5.31 35.25
N THR C 4 7.31 -5.98 34.46
CA THR C 4 6.80 -5.42 33.19
C THR C 4 5.30 -5.44 33.09
N ILE C 5 4.78 -4.25 32.84
CA ILE C 5 3.39 -4.03 32.52
C ILE C 5 3.27 -3.59 31.03
N ALA C 6 2.40 -4.24 30.27
CA ALA C 6 2.01 -3.81 28.93
C ALA C 6 0.55 -3.33 28.90
N VAL C 7 0.28 -2.25 28.19
CA VAL C 7 -1.05 -1.76 28.06
C VAL C 7 -1.54 -2.12 26.64
N ILE C 8 -2.78 -2.61 26.53
CA ILE C 8 -3.34 -3.04 25.26
C ILE C 8 -4.58 -2.17 25.08
N PRO C 9 -4.47 -1.11 24.28
CA PRO C 9 -5.57 -0.15 24.24
C PRO C 9 -6.56 -0.39 23.14
N GLY C 10 -7.74 0.19 23.28
CA GLY C 10 -8.77 -0.01 22.29
C GLY C 10 -10.15 0.41 22.71
N SER C 11 -11.04 0.38 21.75
CA SER C 11 -12.40 0.68 22.06
C SER C 11 -13.20 -0.61 22.29
N PHE C 12 -12.74 -1.75 21.77
CA PHE C 12 -13.32 -3.02 22.10
C PHE C 12 -14.86 -2.93 22.08
N ASP C 13 -15.41 -2.64 20.91
CA ASP C 13 -16.82 -2.31 20.78
C ASP C 13 -17.57 -3.24 19.84
N PRO C 14 -17.75 -4.52 20.23
CA PRO C 14 -17.22 -5.20 21.39
C PRO C 14 -15.88 -5.85 21.06
N ILE C 15 -15.33 -6.53 22.07
CA ILE C 15 -14.15 -7.37 21.90
C ILE C 15 -14.44 -8.61 21.03
N THR C 16 -13.47 -8.97 20.19
CA THR C 16 -13.63 -10.07 19.26
C THR C 16 -12.50 -11.04 19.51
N TYR C 17 -12.59 -12.20 18.88
CA TYR C 17 -11.52 -13.15 18.89
C TYR C 17 -10.22 -12.57 18.39
N GLY C 18 -10.30 -11.73 17.37
CA GLY C 18 -9.14 -10.97 16.91
C GLY C 18 -8.45 -10.22 18.02
N HIS C 19 -9.20 -9.52 18.86
CA HIS C 19 -8.62 -8.82 19.99
C HIS C 19 -8.07 -9.82 21.02
N LEU C 20 -8.86 -10.86 21.28
CA LEU C 20 -8.47 -11.89 22.25
C LEU C 20 -7.16 -12.54 21.90
N ASP C 21 -6.99 -12.81 20.62
CA ASP C 21 -5.78 -13.43 20.16
C ASP C 21 -4.56 -12.57 20.48
N ILE C 22 -4.64 -11.25 20.28
CA ILE C 22 -3.49 -10.42 20.62
C ILE C 22 -3.26 -10.43 22.16
N ILE C 23 -4.32 -10.39 22.97
CA ILE C 23 -4.11 -10.38 24.44
C ILE C 23 -3.49 -11.69 24.92
N GLU C 24 -3.98 -12.81 24.41
CA GLU C 24 -3.47 -14.11 24.77
C GLU C 24 -1.98 -14.29 24.43
N ARG C 25 -1.58 -13.83 23.27
CA ARG C 25 -0.20 -13.97 22.80
C ARG C 25 0.79 -13.10 23.56
N SER C 26 0.31 -12.14 24.32
CA SER C 26 1.21 -11.27 25.07
C SER C 26 1.32 -11.65 26.56
N THR C 27 0.49 -12.57 27.04
CA THR C 27 0.37 -12.83 28.49
C THR C 27 1.60 -13.47 29.08
N ASP C 28 2.12 -14.49 28.42
CA ASP C 28 3.41 -15.11 28.77
C ASP C 28 4.65 -14.28 28.45
N ARG C 29 4.49 -13.03 28.00
CA ARG C 29 5.64 -12.22 27.61
C ARG C 29 5.80 -11.01 28.50
N PHE C 30 4.77 -10.69 29.28
CA PHE C 30 4.84 -9.57 30.21
C PHE C 30 4.26 -10.09 31.53
N ASP C 31 4.59 -9.43 32.63
CA ASP C 31 4.16 -9.89 33.95
C ASP C 31 2.72 -9.58 34.20
N GLU C 32 2.35 -8.36 33.83
CA GLU C 32 1.01 -7.84 33.97
C GLU C 32 0.58 -7.30 32.57
N ILE C 33 -0.68 -7.44 32.21
CA ILE C 33 -1.26 -6.83 31.00
C ILE C 33 -2.44 -5.97 31.44
N HIS C 34 -2.42 -4.68 31.13
CA HIS C 34 -3.60 -3.83 31.31
C HIS C 34 -4.31 -3.73 29.97
N VAL C 35 -5.56 -4.18 29.91
CA VAL C 35 -6.42 -3.83 28.84
C VAL C 35 -7.07 -2.47 29.16
N CYS C 36 -6.78 -1.48 28.33
CA CYS C 36 -7.24 -0.11 28.56
C CYS C 36 -8.36 0.32 27.62
N VAL C 37 -9.43 0.89 28.17
CA VAL C 37 -10.55 1.41 27.39
C VAL C 37 -10.65 2.92 27.61
N LEU C 38 -11.02 3.65 26.55
CA LEU C 38 -11.08 5.13 26.61
C LEU C 38 -12.36 5.62 27.29
N LYS C 39 -12.22 6.02 28.56
CA LYS C 39 -13.38 6.38 29.41
C LYS C 39 -14.51 7.05 28.62
N ASN C 40 -14.48 8.37 28.47
CA ASN C 40 -15.60 9.05 27.80
C ASN C 40 -15.10 9.77 26.59
N SER C 41 -14.76 8.96 25.59
CA SER C 41 -14.65 9.43 24.23
C SER C 41 -15.92 10.21 23.95
N LYS C 42 -15.77 11.21 23.08
CA LYS C 42 -16.92 11.91 22.45
C LYS C 42 -17.43 11.10 21.21
N LYS C 43 -16.74 9.98 20.90
CA LYS C 43 -16.97 9.19 19.67
C LYS C 43 -17.86 7.96 20.05
N GLU C 44 -19.12 8.21 20.45
CA GLU C 44 -19.95 7.15 21.08
C GLU C 44 -20.32 6.02 20.13
N GLY C 45 -20.58 4.84 20.70
CA GLY C 45 -20.84 3.64 19.91
C GLY C 45 -21.76 2.63 20.56
N THR C 46 -21.84 1.46 19.92
CA THR C 46 -22.85 0.44 20.24
C THR C 46 -23.01 0.09 21.72
N PHE C 47 -21.89 -0.09 22.42
CA PHE C 47 -21.95 -0.55 23.80
C PHE C 47 -21.39 0.55 24.67
N SER C 48 -21.93 0.65 25.88
CA SER C 48 -21.44 1.60 26.86
C SER C 48 -20.10 1.13 27.36
N LEU C 49 -19.32 2.11 27.78
CA LEU C 49 -18.13 1.88 28.54
C LEU C 49 -18.27 0.69 29.48
N GLU C 50 -19.37 0.65 30.23
CA GLU C 50 -19.51 -0.36 31.26
C GLU C 50 -19.84 -1.72 30.65
N GLU C 51 -20.77 -1.78 29.71
CA GLU C 51 -20.99 -3.00 28.92
C GLU C 51 -19.66 -3.49 28.34
N ARG C 52 -18.86 -2.58 27.74
CA ARG C 52 -17.61 -3.03 27.09
C ARG C 52 -16.66 -3.63 28.09
N MET C 53 -16.47 -2.95 29.21
CA MET C 53 -15.56 -3.49 30.25
C MET C 53 -15.96 -4.87 30.75
N ASP C 54 -17.24 -5.10 30.97
CA ASP C 54 -17.72 -6.41 31.47
C ASP C 54 -17.44 -7.52 30.45
N LEU C 55 -17.82 -7.27 29.20
CA LEU C 55 -17.47 -8.18 28.06
C LEU C 55 -15.99 -8.52 28.01
N ILE C 56 -15.11 -7.55 28.23
CA ILE C 56 -13.71 -7.89 28.29
C ILE C 56 -13.46 -8.80 29.50
N GLU C 57 -13.88 -8.38 30.69
CA GLU C 57 -13.63 -9.19 31.89
C GLU C 57 -14.10 -10.60 31.74
N GLN C 58 -15.32 -10.80 31.28
CA GLN C 58 -15.81 -12.18 31.11
C GLN C 58 -15.00 -13.00 30.11
N SER C 59 -14.46 -12.34 29.09
CA SER C 59 -13.74 -13.05 28.02
C SER C 59 -12.29 -13.29 28.35
N VAL C 60 -11.81 -12.57 29.33
CA VAL C 60 -10.42 -12.58 29.76
C VAL C 60 -10.23 -13.32 31.12
N LYS C 61 -11.29 -13.90 31.70
CA LYS C 61 -11.20 -14.52 33.05
C LYS C 61 -10.34 -15.78 33.18
N HIS C 62 -10.16 -16.53 32.09
CA HIS C 62 -9.17 -17.62 32.04
C HIS C 62 -7.69 -17.20 31.97
N LEU C 63 -7.39 -15.92 32.21
CA LEU C 63 -6.04 -15.39 32.14
C LEU C 63 -5.78 -14.59 33.42
N PRO C 64 -5.05 -15.18 34.40
CA PRO C 64 -4.89 -14.50 35.71
C PRO C 64 -4.18 -13.13 35.65
N ASN C 65 -3.25 -12.95 34.71
CA ASN C 65 -2.49 -11.70 34.66
C ASN C 65 -3.12 -10.56 33.84
N VAL C 66 -4.39 -10.68 33.52
CA VAL C 66 -5.03 -9.67 32.70
C VAL C 66 -6.08 -8.87 33.46
N LYS C 67 -5.80 -7.59 33.62
CA LYS C 67 -6.69 -6.65 34.24
C LYS C 67 -7.29 -5.67 33.23
N VAL C 68 -8.53 -5.26 33.47
CA VAL C 68 -9.29 -4.39 32.59
C VAL C 68 -9.55 -3.00 33.20
N HIS C 69 -9.02 -1.94 32.60
CA HIS C 69 -9.14 -0.58 33.16
C HIS C 69 -9.71 0.51 32.20
N GLN C 70 -10.19 1.59 32.80
CA GLN C 70 -10.80 2.70 32.06
C GLN C 70 -9.97 3.95 32.33
N PHE C 71 -9.87 4.82 31.34
CA PHE C 71 -9.12 6.06 31.50
C PHE C 71 -9.65 7.10 30.54
N SER C 72 -9.67 8.37 30.99
CA SER C 72 -9.81 9.54 30.12
C SER C 72 -8.47 10.21 30.26
N GLY C 73 -8.17 11.19 29.45
CA GLY C 73 -6.79 11.71 29.43
C GLY C 73 -5.94 10.88 28.48
N LEU C 74 -4.73 11.38 28.18
CA LEU C 74 -3.81 10.74 27.24
C LEU C 74 -3.37 9.38 27.66
N LEU C 75 -3.31 8.46 26.69
CA LEU C 75 -2.87 7.10 26.93
C LEU C 75 -1.47 6.98 27.49
N VAL C 76 -0.53 7.79 27.04
CA VAL C 76 0.86 7.67 27.55
C VAL C 76 0.99 8.16 28.98
N ASP C 77 0.01 8.92 29.45
CA ASP C 77 -0.10 9.26 30.89
C ASP C 77 -0.68 8.17 31.76
N TYR C 78 -1.64 7.41 31.22
CA TYR C 78 -2.08 6.23 31.93
C TYR C 78 -0.91 5.25 32.14
N CYS C 79 -0.09 5.06 31.13
CA CYS C 79 1.02 4.10 31.24
C CYS C 79 2.02 4.57 32.31
N GLU C 80 2.13 5.88 32.41
CA GLU C 80 3.12 6.49 33.24
C GLU C 80 2.68 6.28 34.69
N GLN C 81 1.43 6.65 34.96
CA GLN C 81 0.79 6.45 36.26
C GLN C 81 0.85 5.00 36.79
N VAL C 82 0.66 3.98 35.93
CA VAL C 82 0.83 2.58 36.34
C VAL C 82 2.22 1.96 36.09
N GLY C 83 3.21 2.75 35.70
CA GLY C 83 4.53 2.22 35.37
C GLY C 83 4.71 1.33 34.12
N ALA C 84 3.73 1.30 33.22
CA ALA C 84 3.87 0.49 32.01
C ALA C 84 4.79 1.19 30.99
N LYS C 85 5.77 0.46 30.49
CA LYS C 85 6.74 0.98 29.52
C LYS C 85 6.50 0.47 28.08
N THR C 86 5.35 -0.19 27.86
CA THR C 86 5.06 -0.86 26.59
C THR C 86 3.58 -0.83 26.23
N ILE C 87 3.31 -0.49 24.98
CA ILE C 87 1.96 -0.53 24.43
C ILE C 87 1.99 -1.62 23.41
N ILE C 88 0.90 -2.35 23.29
CA ILE C 88 0.79 -3.43 22.34
C ILE C 88 -0.44 -3.25 21.41
N ARG C 89 -0.21 -3.35 20.12
CA ARG C 89 -1.25 -3.20 19.12
C ARG C 89 -1.12 -4.30 18.06
N GLY C 90 -2.24 -4.71 17.48
CA GLY C 90 -2.23 -5.73 16.44
C GLY C 90 -2.29 -5.08 15.08
N LEU C 91 -1.82 -5.78 14.05
CA LEU C 91 -1.79 -5.23 12.70
C LEU C 91 -2.48 -6.24 11.80
N ARG C 92 -3.51 -5.82 11.10
CA ARG C 92 -4.24 -6.73 10.17
C ARG C 92 -3.81 -6.55 8.73
N ALA C 93 -3.50 -5.32 8.35
CA ALA C 93 -3.39 -4.99 6.93
C ALA C 93 -2.66 -3.71 6.85
N VAL C 94 -2.29 -3.31 5.63
CA VAL C 94 -1.50 -2.11 5.35
C VAL C 94 -2.09 -0.84 5.91
N SER C 95 -3.40 -0.77 5.87
CA SER C 95 -4.10 0.39 6.34
C SER C 95 -3.84 0.56 7.84
N ASP C 96 -3.90 -0.55 8.58
CA ASP C 96 -3.49 -0.52 10.02
C ASP C 96 -2.05 -0.02 10.19
N PHE C 97 -1.14 -0.58 9.39
CA PHE C 97 0.27 -0.22 9.47
C PHE C 97 0.42 1.32 9.45
N GLU C 98 -0.16 1.92 8.45
CA GLU C 98 -0.06 3.34 8.25
C GLU C 98 -0.67 4.18 9.33
N TYR C 99 -1.84 3.81 9.80
CA TYR C 99 -2.50 4.59 10.82
C TYR C 99 -1.65 4.43 12.12
N GLU C 100 -1.24 3.21 12.43
CA GLU C 100 -0.41 2.97 13.61
C GLU C 100 0.89 3.74 13.55
N LEU C 101 1.55 3.75 12.38
CA LEU C 101 2.84 4.46 12.27
C LEU C 101 2.64 5.90 12.71
N ARG C 102 1.54 6.50 12.30
CA ARG C 102 1.34 7.90 12.63
C ARG C 102 1.15 8.10 14.13
N LEU C 103 0.39 7.22 14.76
CA LEU C 103 0.08 7.39 16.20
C LEU C 103 1.30 7.15 17.14
N THR C 104 2.08 6.14 16.82
CA THR C 104 3.30 5.84 17.53
C THR C 104 4.30 6.98 17.40
N SER C 105 4.40 7.61 16.23
CA SER C 105 5.30 8.74 16.10
C SER C 105 4.91 9.91 17.04
N MET C 106 3.62 10.15 17.23
CA MET C 106 3.19 11.21 18.13
C MET C 106 3.35 10.78 19.59
N ASN C 107 2.95 9.56 19.92
CA ASN C 107 3.09 9.05 21.28
C ASN C 107 4.49 9.10 21.70
N LYS C 108 5.41 8.84 20.80
CA LYS C 108 6.84 8.96 21.13
C LYS C 108 7.23 10.44 21.39
N LYS C 109 6.67 11.40 20.65
CA LYS C 109 6.90 12.80 20.96
C LYS C 109 6.27 13.16 22.28
N LEU C 110 5.18 12.50 22.65
CA LEU C 110 4.50 12.81 23.90
C LEU C 110 5.23 12.31 25.13
N ASN C 111 5.88 11.16 25.01
CA ASN C 111 6.63 10.57 26.09
C ASN C 111 7.51 9.47 25.52
N ASN C 112 8.82 9.77 25.41
CA ASN C 112 9.73 8.84 24.72
C ASN C 112 10.20 7.60 25.49
N GLU C 113 9.73 7.43 26.72
CA GLU C 113 10.04 6.25 27.52
C GLU C 113 9.11 5.08 27.21
N ILE C 114 8.05 5.32 26.44
CA ILE C 114 7.06 4.31 26.16
C ILE C 114 7.25 3.80 24.75
N GLU C 115 7.35 2.50 24.65
CA GLU C 115 7.61 1.86 23.39
C GLU C 115 6.37 1.09 22.93
N THR C 116 6.05 1.17 21.63
CA THR C 116 4.90 0.45 21.09
C THR C 116 5.41 -0.73 20.30
N LEU C 117 4.89 -1.93 20.56
CA LEU C 117 5.24 -3.07 19.73
C LEU C 117 4.03 -3.61 19.02
N TYR C 118 4.23 -4.32 17.91
CA TYR C 118 3.12 -4.79 17.12
C TYR C 118 3.19 -6.25 16.93
N MET C 119 2.02 -6.88 16.87
CA MET C 119 1.93 -8.25 16.44
C MET C 119 0.96 -8.30 15.27
N MET C 120 1.24 -9.23 14.37
CA MET C 120 0.43 -9.45 13.24
C MET C 120 -0.72 -10.29 13.68
N SER C 121 -1.87 -10.00 13.10
CA SER C 121 -3.05 -10.80 13.30
C SER C 121 -2.78 -12.20 12.85
N SER C 122 -3.42 -13.15 13.50
CA SER C 122 -3.39 -14.53 13.01
C SER C 122 -4.16 -14.59 11.71
N THR C 123 -3.64 -15.34 10.77
CA THR C 123 -4.30 -15.52 9.49
C THR C 123 -5.83 -15.71 9.57
N ASN C 124 -6.29 -16.48 10.55
CA ASN C 124 -7.72 -16.75 10.74
C ASN C 124 -8.58 -15.64 11.30
N TYR C 125 -7.97 -14.63 11.87
CA TYR C 125 -8.74 -13.46 12.37
C TYR C 125 -8.38 -12.16 11.66
N SER C 126 -7.57 -12.25 10.61
CA SER C 126 -6.99 -11.08 9.96
C SER C 126 -8.08 -10.17 9.35
N PHE C 127 -9.20 -10.75 8.96
CA PHE C 127 -10.35 -10.01 8.47
C PHE C 127 -11.40 -9.60 9.53
N ILE C 128 -11.18 -9.87 10.81
CA ILE C 128 -12.20 -9.58 11.80
C ILE C 128 -12.05 -8.17 12.31
N SER C 129 -13.17 -7.51 12.48
CA SER C 129 -13.22 -6.22 13.11
C SER C 129 -14.57 -6.10 13.82
N SER C 130 -14.64 -5.19 14.76
CA SER C 130 -15.85 -4.99 15.51
C SER C 130 -16.93 -4.57 14.57
N SER C 131 -16.58 -3.60 13.73
CA SER C 131 -17.44 -3.11 12.68
C SER C 131 -18.06 -4.20 11.83
N ILE C 132 -17.25 -5.06 11.24
CA ILE C 132 -17.81 -6.05 10.36
C ILE C 132 -18.62 -7.10 11.14
N VAL C 133 -18.28 -7.32 12.41
CA VAL C 133 -19.03 -8.26 13.22
C VAL C 133 -20.42 -7.73 13.60
N LYS C 134 -20.51 -6.44 13.89
CA LYS C 134 -21.79 -5.86 14.20
C LYS C 134 -22.70 -5.87 12.99
N GLU C 135 -22.17 -5.52 11.83
CA GLU C 135 -22.97 -5.64 10.66
C GLU C 135 -23.52 -7.08 10.45
N VAL C 136 -22.69 -8.09 10.65
CA VAL C 136 -23.11 -9.44 10.45
C VAL C 136 -24.19 -9.85 11.49
N ALA C 137 -24.00 -9.40 12.74
CA ALA C 137 -24.95 -9.59 13.85
C ALA C 137 -26.30 -8.91 13.64
N ALA C 138 -26.32 -7.79 12.91
CA ALA C 138 -27.55 -7.07 12.60
C ALA C 138 -28.43 -7.82 11.59
N TYR C 139 -27.84 -8.71 10.78
CA TYR C 139 -28.63 -9.56 9.88
C TYR C 139 -28.74 -10.93 10.48
N ARG C 140 -28.62 -10.94 11.80
CA ARG C 140 -28.46 -12.12 12.66
C ARG C 140 -28.05 -13.38 11.93
N ALA C 141 -26.90 -13.30 11.29
CA ALA C 141 -26.20 -14.49 10.88
C ALA C 141 -25.42 -14.95 12.10
N ASP C 142 -24.77 -16.09 11.96
CA ASP C 142 -23.97 -16.72 13.01
C ASP C 142 -22.57 -16.12 13.20
N ILE C 143 -22.26 -15.78 14.44
CA ILE C 143 -20.99 -15.10 14.73
C ILE C 143 -20.13 -15.81 15.74
N SER C 144 -20.50 -17.05 16.12
CA SER C 144 -19.71 -17.85 17.10
C SER C 144 -18.27 -18.05 16.68
N GLU C 145 -18.00 -18.04 15.38
CA GLU C 145 -16.61 -18.12 14.90
C GLU C 145 -15.82 -16.82 15.16
N PHE C 146 -16.48 -15.69 15.47
CA PHE C 146 -15.82 -14.37 15.44
C PHE C 146 -15.65 -13.63 16.75
N VAL C 147 -16.52 -13.90 17.70
CA VAL C 147 -16.45 -13.30 19.06
C VAL C 147 -16.63 -14.38 20.18
N PRO C 148 -16.14 -14.12 21.39
CA PRO C 148 -16.31 -15.16 22.42
C PRO C 148 -17.75 -15.24 22.91
N PRO C 149 -18.08 -16.30 23.64
CA PRO C 149 -19.50 -16.65 23.83
C PRO C 149 -20.32 -15.64 24.62
N TYR C 150 -19.68 -14.91 25.52
CA TYR C 150 -20.36 -13.86 26.27
C TYR C 150 -20.71 -12.72 25.35
N VAL C 151 -19.79 -12.38 24.46
CA VAL C 151 -20.01 -11.30 23.53
C VAL C 151 -21.05 -11.72 22.54
N GLU C 152 -21.06 -12.99 22.16
CA GLU C 152 -22.06 -13.45 21.20
C GLU C 152 -23.48 -13.23 21.72
N LYS C 153 -23.70 -13.68 22.94
CA LYS C 153 -25.00 -13.56 23.57
C LYS C 153 -25.40 -12.09 23.69
N ALA C 154 -24.45 -11.21 23.97
CA ALA C 154 -24.74 -9.78 24.04
C ALA C 154 -25.05 -9.18 22.67
N LEU C 155 -24.51 -9.75 21.59
CA LEU C 155 -24.81 -9.24 20.25
C LEU C 155 -26.20 -9.65 19.79
N LYS C 156 -26.54 -10.93 19.95
CA LYS C 156 -27.89 -11.37 19.58
C LYS C 156 -28.95 -10.54 20.32
N LYS C 157 -28.76 -10.38 21.64
CA LYS C 157 -29.57 -9.45 22.46
C LYS C 157 -29.64 -8.06 21.84
N LYS C 158 -28.52 -7.34 21.76
CA LYS C 158 -28.47 -5.99 21.15
C LYS C 158 -29.19 -5.86 19.83
N PHE C 159 -29.20 -6.91 19.01
CA PHE C 159 -29.75 -6.82 17.65
C PHE C 159 -31.01 -7.70 17.44
N LYS C 160 -31.51 -8.26 18.54
CA LYS C 160 -32.76 -9.06 18.59
C LYS C 160 -33.89 -8.50 17.70
N GLU D 2 18.23 29.69 -17.74
CA GLU D 2 19.43 29.31 -16.94
C GLU D 2 19.49 30.05 -15.61
N HIS D 3 18.45 30.81 -15.27
CA HIS D 3 18.19 31.08 -13.87
C HIS D 3 17.82 29.72 -13.23
N THR D 4 16.73 29.09 -13.69
CA THR D 4 16.27 27.82 -13.09
C THR D 4 16.58 26.62 -13.97
N ILE D 5 17.30 25.68 -13.39
CA ILE D 5 17.48 24.36 -13.98
C ILE D 5 16.80 23.24 -13.14
N ALA D 6 16.24 22.25 -13.84
CA ALA D 6 15.66 21.05 -13.28
C ALA D 6 16.32 19.85 -13.91
N VAL D 7 16.65 18.86 -13.09
CA VAL D 7 17.31 17.65 -13.56
C VAL D 7 16.29 16.51 -13.51
N ILE D 8 16.29 15.70 -14.56
CA ILE D 8 15.37 14.57 -14.69
C ILE D 8 16.21 13.35 -14.93
N PRO D 9 16.44 12.55 -13.87
CA PRO D 9 17.39 11.45 -13.88
C PRO D 9 16.77 10.09 -14.22
N GLY D 10 17.56 9.12 -14.69
CA GLY D 10 17.01 7.79 -14.93
C GLY D 10 17.83 6.89 -15.79
N SER D 11 17.46 5.61 -15.79
CA SER D 11 18.07 4.67 -16.70
C SER D 11 17.70 4.87 -18.16
N PHE D 12 16.45 5.24 -18.45
CA PHE D 12 15.96 5.36 -19.83
C PHE D 12 16.49 4.23 -20.74
N ASP D 13 16.11 2.99 -20.42
CA ASP D 13 16.57 1.79 -21.05
C ASP D 13 15.47 0.96 -21.75
N PRO D 14 14.80 1.53 -22.75
CA PRO D 14 14.97 2.83 -23.38
C PRO D 14 13.94 3.80 -22.86
N ILE D 15 14.07 5.06 -23.23
CA ILE D 15 13.01 6.01 -23.00
C ILE D 15 11.70 5.58 -23.73
N THR D 16 10.55 5.96 -23.14
CA THR D 16 9.19 5.54 -23.55
C THR D 16 8.38 6.81 -23.53
N TYR D 17 7.16 6.74 -24.02
CA TYR D 17 6.28 7.93 -23.93
C TYR D 17 6.00 8.37 -22.47
N GLY D 18 5.98 7.44 -21.50
CA GLY D 18 5.85 7.77 -20.07
C GLY D 18 6.87 8.76 -19.56
N HIS D 19 8.13 8.50 -19.87
CA HIS D 19 9.18 9.42 -19.56
C HIS D 19 9.03 10.71 -20.29
N LEU D 20 8.70 10.63 -21.58
CA LEU D 20 8.60 11.86 -22.37
C LEU D 20 7.55 12.75 -21.89
N ASP D 21 6.40 12.19 -21.51
CA ASP D 21 5.32 13.01 -20.93
C ASP D 21 5.78 13.76 -19.67
N ILE D 22 6.62 13.15 -18.80
CA ILE D 22 7.10 13.91 -17.64
C ILE D 22 7.98 15.07 -18.10
N ILE D 23 8.95 14.74 -18.95
CA ILE D 23 9.83 15.74 -19.54
C ILE D 23 9.05 16.85 -20.19
N GLU D 24 8.03 16.53 -20.97
CA GLU D 24 7.30 17.61 -21.69
C GLU D 24 6.52 18.49 -20.76
N ARG D 25 5.96 17.87 -19.72
CA ARG D 25 5.18 18.60 -18.70
C ARG D 25 6.02 19.51 -17.81
N SER D 26 7.34 19.42 -17.89
CA SER D 26 8.20 20.26 -17.09
C SER D 26 8.69 21.47 -17.86
N THR D 27 8.83 21.34 -19.20
CA THR D 27 9.68 22.30 -19.94
C THR D 27 9.22 23.74 -19.76
N ASP D 28 7.93 23.95 -19.85
CA ASP D 28 7.35 25.27 -19.65
C ASP D 28 7.49 25.86 -18.23
N ARG D 29 8.08 25.11 -17.27
CA ARG D 29 8.06 25.46 -15.83
C ARG D 29 9.45 25.87 -15.28
N PHE D 30 10.49 25.48 -15.97
CA PHE D 30 11.83 25.91 -15.64
C PHE D 30 12.42 26.48 -16.91
N ASP D 31 13.51 27.23 -16.81
CA ASP D 31 14.19 27.71 -18.02
C ASP D 31 14.92 26.57 -18.72
N GLU D 32 15.39 25.59 -17.98
CA GLU D 32 16.34 24.63 -18.51
C GLU D 32 16.21 23.22 -17.86
N ILE D 33 16.06 22.17 -18.67
CA ILE D 33 15.84 20.79 -18.20
C ILE D 33 17.01 19.95 -18.59
N HIS D 34 17.59 19.22 -17.64
CA HIS D 34 18.68 18.29 -17.92
C HIS D 34 18.25 16.87 -17.70
N VAL D 35 18.15 16.10 -18.75
CA VAL D 35 17.88 14.69 -18.60
C VAL D 35 19.25 14.13 -18.32
N CYS D 36 19.46 13.54 -17.13
CA CYS D 36 20.71 12.92 -16.86
CA CYS D 36 20.75 13.02 -16.75
C CYS D 36 20.74 11.52 -16.72
N VAL D 37 21.87 10.90 -17.03
CA VAL D 37 21.99 9.45 -17.02
C VAL D 37 23.27 9.12 -16.30
N LEU D 38 23.38 7.91 -15.76
CA LEU D 38 24.56 7.51 -14.95
C LEU D 38 25.67 6.80 -15.73
N LYS D 39 26.87 7.40 -15.68
CA LYS D 39 28.08 6.82 -16.27
C LYS D 39 28.68 5.81 -15.30
N ASN D 40 29.18 4.73 -15.87
CA ASN D 40 29.54 3.50 -15.15
C ASN D 40 28.43 2.94 -14.26
N SER D 41 27.43 2.33 -14.86
CA SER D 41 26.34 1.71 -14.11
C SER D 41 26.77 0.32 -13.61
N LYS D 42 25.78 -0.59 -13.48
CA LYS D 42 25.98 -2.06 -13.47
C LYS D 42 24.60 -2.76 -13.39
N LYS D 43 24.43 -3.87 -14.15
CA LYS D 43 23.13 -4.59 -14.41
C LYS D 43 22.34 -4.05 -15.64
N GLU D 44 22.80 -4.44 -16.85
CA GLU D 44 22.51 -3.76 -18.13
C GLU D 44 23.56 -4.11 -19.22
N GLY D 45 23.16 -4.20 -20.50
CA GLY D 45 21.76 -4.31 -20.92
C GLY D 45 20.86 -3.08 -20.76
N THR D 46 19.74 -3.09 -21.46
CA THR D 46 19.60 -3.81 -22.69
C THR D 46 20.34 -2.98 -23.73
N PHE D 47 20.29 -1.67 -23.58
CA PHE D 47 20.97 -0.78 -24.49
C PHE D 47 22.18 -0.23 -23.74
N SER D 48 23.24 0.10 -24.49
CA SER D 48 24.44 0.71 -23.88
C SER D 48 24.20 2.18 -23.55
N LEU D 49 25.06 2.74 -22.70
CA LEU D 49 25.01 4.16 -22.40
C LEU D 49 24.93 5.05 -23.64
N GLU D 50 25.67 4.69 -24.68
CA GLU D 50 25.76 5.55 -25.86
C GLU D 50 24.44 5.47 -26.64
N GLU D 51 23.94 4.24 -26.85
CA GLU D 51 22.65 4.03 -27.56
C GLU D 51 21.49 4.73 -26.82
N ARG D 52 21.51 4.60 -25.49
CA ARG D 52 20.52 5.22 -24.61
C ARG D 52 20.51 6.72 -24.70
N MET D 53 21.67 7.35 -24.68
CA MET D 53 21.75 8.81 -24.79
C MET D 53 21.36 9.30 -26.18
N ASP D 54 21.67 8.51 -27.20
CA ASP D 54 21.22 8.80 -28.56
C ASP D 54 19.69 8.78 -28.68
N LEU D 55 19.05 7.75 -28.13
CA LEU D 55 17.60 7.67 -28.17
C LEU D 55 16.92 8.80 -27.43
N ILE D 56 17.48 9.20 -26.31
CA ILE D 56 16.91 10.31 -25.57
C ILE D 56 17.03 11.51 -26.48
N GLU D 57 18.26 11.88 -26.86
CA GLU D 57 18.58 13.07 -27.69
C GLU D 57 17.57 13.31 -28.80
N GLN D 58 17.34 12.27 -29.60
CA GLN D 58 16.38 12.34 -30.74
C GLN D 58 14.92 12.50 -30.29
N SER D 59 14.59 11.79 -29.22
CA SER D 59 13.24 11.82 -28.70
C SER D 59 12.86 13.18 -28.14
N VAL D 60 13.81 14.00 -27.70
CA VAL D 60 13.48 15.34 -27.17
C VAL D 60 13.94 16.54 -28.02
N LYS D 61 14.34 16.31 -29.26
CA LYS D 61 14.93 17.35 -30.11
C LYS D 61 14.01 18.51 -30.39
N HIS D 62 12.71 18.24 -30.43
CA HIS D 62 11.71 19.30 -30.48
C HIS D 62 11.54 20.17 -29.24
N LEU D 63 12.31 19.92 -28.20
CA LEU D 63 12.18 20.65 -26.96
C LEU D 63 13.46 21.46 -26.80
N PRO D 64 13.44 22.74 -27.25
CA PRO D 64 14.66 23.56 -27.26
C PRO D 64 15.43 23.54 -25.95
N ASN D 65 14.73 23.62 -24.83
CA ASN D 65 15.43 23.79 -23.55
C ASN D 65 15.84 22.49 -22.84
N VAL D 66 15.74 21.34 -23.50
CA VAL D 66 16.16 20.05 -22.92
C VAL D 66 17.49 19.54 -23.49
N LYS D 67 18.37 19.15 -22.57
CA LYS D 67 19.72 18.69 -22.86
C LYS D 67 19.91 17.39 -22.19
N VAL D 68 20.65 16.50 -22.83
CA VAL D 68 20.93 15.21 -22.29
C VAL D 68 22.37 15.14 -21.86
N HIS D 69 22.62 14.69 -20.62
CA HIS D 69 23.95 14.62 -20.03
C HIS D 69 24.22 13.25 -19.39
N GLN D 70 25.48 12.81 -19.42
CA GLN D 70 25.94 11.69 -18.61
C GLN D 70 26.69 12.22 -17.39
N PHE D 71 26.74 11.44 -16.33
CA PHE D 71 27.43 11.86 -15.12
C PHE D 71 27.82 10.66 -14.29
N SER D 72 29.01 10.74 -13.68
CA SER D 72 29.63 9.62 -12.96
C SER D 72 29.46 9.65 -11.44
N GLY D 73 29.13 10.80 -10.85
CA GLY D 73 28.93 10.91 -9.40
C GLY D 73 27.49 10.95 -8.88
N LEU D 74 27.33 11.51 -7.68
CA LEU D 74 26.03 11.61 -7.03
C LEU D 74 25.17 12.57 -7.76
N LEU D 75 23.91 12.16 -7.94
CA LEU D 75 22.95 13.03 -8.57
C LEU D 75 22.96 14.39 -7.93
N VAL D 76 23.12 14.43 -6.62
CA VAL D 76 23.05 15.68 -5.92
C VAL D 76 24.29 16.59 -6.16
N ASP D 77 25.45 15.99 -6.44
CA ASP D 77 26.63 16.74 -6.92
C ASP D 77 26.33 17.48 -8.23
N TYR D 78 25.87 16.72 -9.23
CA TYR D 78 25.49 17.29 -10.51
C TYR D 78 24.68 18.55 -10.33
N CYS D 79 23.61 18.44 -9.57
CA CYS D 79 22.72 19.55 -9.41
C CYS D 79 23.42 20.82 -8.89
N GLU D 80 24.19 20.71 -7.81
CA GLU D 80 24.82 21.88 -7.18
C GLU D 80 25.77 22.55 -8.18
N GLN D 81 26.66 21.74 -8.73
CA GLN D 81 27.58 22.16 -9.76
C GLN D 81 26.92 22.97 -10.89
N VAL D 82 25.81 22.49 -11.47
CA VAL D 82 25.18 23.19 -12.58
C VAL D 82 24.17 24.25 -12.15
N GLY D 83 23.91 24.37 -10.86
CA GLY D 83 22.93 25.35 -10.40
C GLY D 83 21.51 24.84 -10.43
N ALA D 84 21.31 23.54 -10.42
CA ALA D 84 19.93 23.01 -10.39
C ALA D 84 19.56 22.74 -8.91
N LYS D 85 18.50 23.43 -8.50
CA LYS D 85 17.94 23.35 -7.17
C LYS D 85 16.67 22.45 -7.11
N THR D 86 16.23 21.93 -8.26
CA THR D 86 15.10 21.03 -8.33
C THR D 86 15.45 19.77 -9.13
N ILE D 87 15.04 18.60 -8.63
CA ILE D 87 15.06 17.32 -9.34
C ILE D 87 13.61 16.88 -9.54
N ILE D 88 13.29 16.30 -10.71
CA ILE D 88 11.93 15.92 -11.08
C ILE D 88 11.86 14.45 -11.33
N ARG D 89 10.84 13.78 -10.78
CA ARG D 89 10.61 12.36 -10.89
C ARG D 89 9.11 12.09 -11.11
N GLY D 90 8.81 10.99 -11.79
CA GLY D 90 7.43 10.63 -12.05
C GLY D 90 7.01 9.52 -11.14
N LEU D 91 5.72 9.50 -10.77
CA LEU D 91 5.11 8.42 -9.99
C LEU D 91 4.02 7.76 -10.78
N ARG D 92 4.11 6.45 -10.96
CA ARG D 92 3.01 5.68 -11.56
C ARG D 92 2.13 5.02 -10.48
N ALA D 93 2.74 4.60 -9.37
CA ALA D 93 2.04 3.65 -8.54
C ALA D 93 2.54 3.69 -7.13
N VAL D 94 1.82 3.02 -6.23
CA VAL D 94 2.29 2.90 -4.87
C VAL D 94 3.75 2.45 -4.79
N SER D 95 4.10 1.34 -5.43
CA SER D 95 5.48 0.87 -5.36
C SER D 95 6.50 1.99 -5.72
N ASP D 96 6.18 2.86 -6.69
CA ASP D 96 7.11 3.92 -7.05
C ASP D 96 7.26 4.94 -5.91
N PHE D 97 6.15 5.23 -5.26
CA PHE D 97 6.09 6.17 -4.16
C PHE D 97 7.00 5.80 -2.96
N GLU D 98 6.95 4.56 -2.55
CA GLU D 98 7.75 4.03 -1.42
C GLU D 98 9.25 3.99 -1.71
N TYR D 99 9.59 3.55 -2.89
CA TYR D 99 10.96 3.57 -3.34
C TYR D 99 11.47 4.97 -3.42
N GLU D 100 10.67 5.89 -3.93
CA GLU D 100 11.17 7.25 -4.11
C GLU D 100 11.26 7.96 -2.77
N LEU D 101 10.41 7.59 -1.81
CA LEU D 101 10.46 8.21 -0.48
C LEU D 101 11.85 7.95 0.11
N ARG D 102 12.32 6.73 -0.01
CA ARG D 102 13.61 6.38 0.53
C ARG D 102 14.76 7.16 -0.12
N LEU D 103 14.72 7.29 -1.44
CA LEU D 103 15.73 8.07 -2.17
C LEU D 103 15.77 9.54 -1.81
N THR D 104 14.62 10.20 -1.84
CA THR D 104 14.55 11.59 -1.46
C THR D 104 15.04 11.85 -0.04
N SER D 105 14.74 10.93 0.87
CA SER D 105 15.10 11.11 2.26
C SER D 105 16.60 11.07 2.35
N MET D 106 17.23 10.23 1.55
CA MET D 106 18.67 10.20 1.56
C MET D 106 19.25 11.44 0.88
N ASN D 107 18.87 11.67 -0.38
CA ASN D 107 19.37 12.84 -1.09
C ASN D 107 19.30 14.13 -0.31
N LYS D 108 18.25 14.28 0.47
CA LYS D 108 18.04 15.42 1.37
C LYS D 108 19.09 15.48 2.49
N LYS D 109 19.57 14.33 2.95
CA LYS D 109 20.73 14.28 3.83
C LYS D 109 21.99 14.61 3.04
N LEU D 110 22.11 14.06 1.84
CA LEU D 110 23.26 14.32 0.99
C LEU D 110 23.41 15.77 0.62
N ASN D 111 22.32 16.54 0.60
CA ASN D 111 22.33 17.93 0.21
C ASN D 111 21.00 18.54 0.47
N ASN D 112 20.96 19.65 1.17
CA ASN D 112 19.73 20.13 1.73
C ASN D 112 19.02 21.21 0.95
N GLU D 113 19.69 21.81 0.01
CA GLU D 113 19.05 22.81 -0.85
C GLU D 113 18.41 22.23 -2.14
N ILE D 114 18.63 20.95 -2.45
CA ILE D 114 17.88 20.30 -3.55
C ILE D 114 16.50 19.74 -3.14
N GLU D 115 15.43 20.23 -3.76
CA GLU D 115 14.14 19.56 -3.68
C GLU D 115 13.93 18.52 -4.81
N THR D 116 13.26 17.44 -4.44
CA THR D 116 12.64 16.56 -5.35
C THR D 116 11.17 16.85 -5.43
N LEU D 117 10.73 17.05 -6.67
CA LEU D 117 9.35 17.26 -7.00
C LEU D 117 8.86 16.07 -7.87
N TYR D 118 7.65 15.60 -7.59
CA TYR D 118 7.06 14.52 -8.27
C TYR D 118 5.88 14.98 -9.10
N MET D 119 5.65 14.24 -10.17
CA MET D 119 4.49 14.40 -11.01
C MET D 119 3.86 13.02 -11.16
N MET D 120 2.54 12.97 -11.18
CA MET D 120 1.83 11.74 -11.45
C MET D 120 1.85 11.53 -12.96
N SER D 121 2.15 10.29 -13.32
CA SER D 121 1.92 9.80 -14.62
C SER D 121 0.53 10.19 -15.10
N SER D 122 0.41 10.56 -16.36
CA SER D 122 -0.94 10.66 -16.92
C SER D 122 -1.58 9.25 -17.02
N THR D 123 -2.87 9.19 -16.85
CA THR D 123 -3.62 7.94 -16.90
C THR D 123 -3.31 7.03 -18.12
N ASN D 124 -3.13 7.60 -19.30
CA ASN D 124 -2.76 6.81 -20.50
C ASN D 124 -1.40 6.11 -20.40
N TYR D 125 -0.50 6.59 -19.54
CA TYR D 125 0.85 6.06 -19.51
C TYR D 125 1.20 5.40 -18.22
N SER D 126 0.25 5.18 -17.36
CA SER D 126 0.52 4.75 -16.00
C SER D 126 1.15 3.33 -15.91
N PHE D 127 0.84 2.46 -16.86
CA PHE D 127 1.28 1.07 -16.83
C PHE D 127 2.53 0.82 -17.70
N ILE D 128 3.04 1.85 -18.34
CA ILE D 128 4.25 1.78 -19.16
C ILE D 128 5.53 1.87 -18.32
N SER D 129 6.40 0.90 -18.55
CA SER D 129 7.75 0.88 -18.08
C SER D 129 8.65 0.40 -19.23
N SER D 130 9.95 0.64 -19.10
CA SER D 130 10.93 0.20 -20.07
C SER D 130 10.94 -1.30 -20.10
N SER D 131 10.91 -1.83 -18.91
CA SER D 131 10.92 -3.25 -18.74
C SER D 131 9.86 -3.96 -19.54
N ILE D 132 8.64 -3.44 -19.52
CA ILE D 132 7.53 -4.18 -20.10
C ILE D 132 7.40 -3.93 -21.62
N VAL D 133 7.89 -2.78 -22.06
CA VAL D 133 8.00 -2.47 -23.48
C VAL D 133 8.95 -3.45 -24.20
N LYS D 134 10.11 -3.67 -23.60
CA LYS D 134 11.04 -4.68 -24.07
C LYS D 134 10.45 -6.10 -24.12
N GLU D 135 9.90 -6.55 -23.00
CA GLU D 135 9.07 -7.74 -22.99
C GLU D 135 8.21 -7.91 -24.25
N VAL D 136 7.39 -6.93 -24.58
CA VAL D 136 6.43 -6.99 -25.69
C VAL D 136 7.12 -6.93 -27.09
N ALA D 137 8.27 -6.27 -27.17
CA ALA D 137 9.07 -6.22 -28.39
C ALA D 137 9.87 -7.51 -28.66
N ALA D 138 10.23 -8.24 -27.63
CA ALA D 138 10.79 -9.57 -27.81
C ALA D 138 9.81 -10.61 -28.47
N TYR D 139 8.53 -10.32 -28.45
CA TYR D 139 7.55 -11.22 -29.05
C TYR D 139 7.02 -10.62 -30.34
N ARG D 140 7.63 -9.53 -30.79
CA ARG D 140 7.33 -8.90 -32.09
C ARG D 140 5.93 -8.28 -32.13
N ALA D 141 5.41 -7.86 -30.99
CA ALA D 141 4.12 -7.16 -31.01
C ALA D 141 4.31 -5.67 -31.32
N ASP D 142 3.22 -4.95 -31.44
CA ASP D 142 3.25 -3.55 -31.84
C ASP D 142 3.43 -2.61 -30.63
N ILE D 143 4.56 -1.90 -30.61
CA ILE D 143 4.94 -1.01 -29.49
C ILE D 143 4.80 0.49 -29.80
N SER D 144 4.22 0.84 -30.93
CA SER D 144 4.21 2.22 -31.40
C SER D 144 3.36 3.11 -30.52
N GLU D 145 2.40 2.50 -29.84
CA GLU D 145 1.60 3.25 -28.85
C GLU D 145 2.46 3.65 -27.61
N PHE D 146 3.56 2.94 -27.38
CA PHE D 146 4.29 3.05 -26.12
C PHE D 146 5.59 3.87 -26.15
N VAL D 147 6.30 3.86 -27.28
CA VAL D 147 7.58 4.57 -27.42
C VAL D 147 7.57 5.40 -28.69
N PRO D 148 8.46 6.42 -28.77
CA PRO D 148 8.53 7.22 -29.99
C PRO D 148 9.22 6.52 -31.15
N PRO D 149 8.95 7.00 -32.37
CA PRO D 149 9.27 6.26 -33.60
C PRO D 149 10.74 5.91 -33.68
N TYR D 150 11.60 6.82 -33.31
CA TYR D 150 13.01 6.47 -33.25
C TYR D 150 13.35 5.28 -32.31
N VAL D 151 12.70 5.19 -31.14
CA VAL D 151 13.00 4.10 -30.19
C VAL D 151 12.34 2.84 -30.70
N GLU D 152 11.19 2.97 -31.33
CA GLU D 152 10.56 1.81 -31.96
C GLU D 152 11.52 1.05 -32.86
N LYS D 153 12.18 1.79 -33.76
CA LYS D 153 13.13 1.20 -34.72
C LYS D 153 14.28 0.50 -34.05
N ALA D 154 14.77 1.10 -32.98
CA ALA D 154 15.84 0.49 -32.14
C ALA D 154 15.39 -0.79 -31.42
N LEU D 155 14.14 -0.81 -31.00
CA LEU D 155 13.62 -2.04 -30.39
C LEU D 155 13.47 -3.09 -31.48
N LYS D 156 12.76 -2.77 -32.56
CA LYS D 156 12.61 -3.76 -33.66
C LYS D 156 13.93 -4.44 -34.04
N LYS D 157 14.99 -3.64 -34.23
CA LYS D 157 16.28 -4.20 -34.60
C LYS D 157 16.77 -5.18 -33.55
N LYS D 158 16.94 -4.70 -32.33
CA LYS D 158 17.50 -5.51 -31.24
C LYS D 158 16.88 -6.89 -31.04
N PHE D 159 15.57 -7.01 -31.22
CA PHE D 159 14.89 -8.26 -30.85
C PHE D 159 14.45 -9.07 -32.06
N LYS D 160 14.73 -8.56 -33.27
CA LYS D 160 14.16 -9.03 -34.54
C LYS D 160 12.61 -8.92 -34.52
N MET E 1 8.57 -12.96 35.55
CA MET E 1 8.64 -13.77 34.26
C MET E 1 9.30 -15.18 34.50
N GLU E 2 10.26 -15.53 33.63
CA GLU E 2 11.23 -16.60 33.89
C GLU E 2 12.65 -15.99 33.67
N HIS E 3 13.49 -16.62 32.84
CA HIS E 3 14.70 -15.94 32.22
C HIS E 3 14.41 -15.70 30.71
N THR E 4 14.63 -14.47 30.22
CA THR E 4 14.04 -14.01 28.92
C THR E 4 15.04 -13.66 27.81
N ILE E 5 14.92 -14.35 26.69
CA ILE E 5 15.73 -14.09 25.51
C ILE E 5 14.90 -13.66 24.29
N ALA E 6 15.45 -12.73 23.51
CA ALA E 6 14.89 -12.28 22.23
C ALA E 6 16.00 -12.36 21.17
N VAL E 7 15.64 -12.86 19.99
CA VAL E 7 16.53 -12.96 18.86
C VAL E 7 16.23 -11.83 17.86
N ILE E 8 17.28 -11.24 17.32
CA ILE E 8 17.19 -10.19 16.35
C ILE E 8 17.94 -10.61 15.12
N PRO E 9 17.28 -11.34 14.21
CA PRO E 9 17.80 -11.83 12.98
C PRO E 9 17.96 -10.76 11.93
N GLY E 10 18.79 -11.02 10.94
CA GLY E 10 19.18 -10.02 9.94
C GLY E 10 20.37 -10.50 9.13
N SER E 11 20.69 -9.79 8.04
CA SER E 11 21.95 -9.97 7.29
C SER E 11 23.03 -9.05 7.82
N PHE E 12 22.65 -7.82 8.14
CA PHE E 12 23.60 -6.82 8.64
C PHE E 12 24.84 -6.79 7.71
N ASP E 13 24.68 -6.23 6.51
CA ASP E 13 25.72 -6.15 5.49
C ASP E 13 25.86 -4.74 4.95
N PRO E 14 26.35 -3.81 5.75
CA PRO E 14 26.72 -3.85 7.12
C PRO E 14 25.64 -3.32 8.07
N ILE E 15 25.89 -3.44 9.36
CA ILE E 15 25.02 -2.90 10.37
C ILE E 15 25.10 -1.38 10.33
N THR E 16 23.97 -0.75 10.65
CA THR E 16 23.77 0.69 10.52
C THR E 16 23.15 1.11 11.82
N TYR E 17 23.02 2.41 12.02
CA TYR E 17 22.34 2.88 13.18
C TYR E 17 20.87 2.46 13.19
N GLY E 18 20.31 2.14 12.02
CA GLY E 18 18.92 1.72 11.91
C GLY E 18 18.74 0.43 12.64
N HIS E 19 19.59 -0.52 12.30
CA HIS E 19 19.64 -1.77 13.04
C HIS E 19 19.98 -1.57 14.50
N LEU E 20 20.84 -0.62 14.81
CA LEU E 20 21.25 -0.42 16.21
C LEU E 20 20.12 0.15 17.09
N ASP E 21 19.44 1.17 16.60
CA ASP E 21 18.28 1.76 17.28
C ASP E 21 17.32 0.62 17.72
N ILE E 22 17.14 -0.41 16.91
CA ILE E 22 16.27 -1.52 17.26
C ILE E 22 16.83 -2.42 18.38
N ILE E 23 18.10 -2.77 18.24
CA ILE E 23 18.80 -3.51 19.27
C ILE E 23 18.86 -2.70 20.57
N GLU E 24 19.17 -1.39 20.47
CA GLU E 24 19.20 -0.52 21.65
C GLU E 24 17.87 -0.34 22.35
N ARG E 25 16.80 -0.32 21.58
CA ARG E 25 15.47 -0.22 22.11
C ARG E 25 15.05 -1.58 22.69
N SER E 26 15.72 -2.65 22.34
CA SER E 26 15.41 -3.93 22.91
C SER E 26 16.17 -4.25 24.21
N THR E 27 17.29 -3.57 24.47
CA THR E 27 18.20 -4.03 25.56
C THR E 27 17.59 -4.07 26.97
N ASP E 28 17.05 -2.98 27.51
CA ASP E 28 16.39 -3.10 28.84
C ASP E 28 14.95 -3.61 28.80
N ARG E 29 14.63 -4.39 27.77
CA ARG E 29 13.32 -5.00 27.65
C ARG E 29 13.47 -6.50 27.87
N PHE E 30 14.69 -7.01 27.77
CA PHE E 30 14.94 -8.44 27.93
C PHE E 30 16.21 -8.70 28.70
N ASP E 31 16.36 -9.95 29.13
CA ASP E 31 17.57 -10.36 29.83
C ASP E 31 18.68 -10.45 28.80
N GLU E 32 18.49 -11.33 27.82
CA GLU E 32 19.50 -11.53 26.77
C GLU E 32 18.99 -11.27 25.35
N ILE E 33 19.72 -10.43 24.62
CA ILE E 33 19.49 -10.13 23.20
C ILE E 33 20.50 -10.89 22.37
N HIS E 34 20.04 -11.84 21.56
CA HIS E 34 20.91 -12.51 20.63
C HIS E 34 20.77 -11.88 19.23
N VAL E 35 21.76 -11.11 18.78
CA VAL E 35 21.80 -10.68 17.37
C VAL E 35 22.21 -11.84 16.48
N CYS E 36 21.35 -12.24 15.60
CA CYS E 36 21.60 -13.47 14.88
C CYS E 36 21.69 -13.29 13.34
N VAL E 37 22.64 -14.01 12.72
CA VAL E 37 22.99 -13.88 11.28
C VAL E 37 22.95 -15.24 10.63
N LEU E 38 22.74 -15.32 9.32
CA LEU E 38 22.58 -16.60 8.59
C LEU E 38 23.90 -17.11 7.97
N LYS E 39 24.14 -18.42 8.11
CA LYS E 39 25.35 -19.11 7.62
C LYS E 39 25.07 -19.95 6.37
N ASN E 40 25.86 -19.68 5.32
CA ASN E 40 25.66 -20.28 4.00
C ASN E 40 24.29 -19.85 3.49
N SER E 41 24.13 -18.52 3.49
CA SER E 41 22.96 -17.83 2.94
C SER E 41 22.80 -18.10 1.43
N LYS E 42 23.94 -18.33 0.75
CA LYS E 42 23.96 -18.61 -0.72
C LYS E 42 23.81 -17.34 -1.60
N LYS E 43 23.16 -16.30 -1.04
CA LYS E 43 23.37 -14.92 -1.57
C LYS E 43 24.84 -14.59 -1.43
N GLU E 44 25.21 -13.38 -1.87
CA GLU E 44 26.55 -12.90 -1.56
C GLU E 44 26.56 -11.39 -1.42
N GLY E 45 27.03 -10.95 -0.26
CA GLY E 45 26.97 -9.56 0.13
C GLY E 45 28.35 -8.99 0.24
N THR E 46 28.49 -7.80 -0.30
CA THR E 46 29.60 -6.95 -0.04
C THR E 46 30.55 -7.41 1.04
N PHE E 47 30.05 -7.87 2.18
CA PHE E 47 30.93 -8.34 3.25
C PHE E 47 30.68 -9.79 3.63
N SER E 48 31.75 -10.53 3.97
CA SER E 48 31.66 -11.94 4.41
C SER E 48 30.95 -12.08 5.77
N LEU E 49 30.51 -13.29 6.07
CA LEU E 49 29.94 -13.61 7.37
C LEU E 49 30.85 -13.14 8.51
N GLU E 50 32.15 -13.41 8.41
CA GLU E 50 33.07 -13.12 9.53
C GLU E 50 33.14 -11.62 9.80
N GLU E 51 33.49 -10.85 8.76
CA GLU E 51 33.50 -9.39 8.87
C GLU E 51 32.14 -8.88 9.41
N ARG E 52 31.05 -9.42 8.87
CA ARG E 52 29.71 -9.01 9.32
C ARG E 52 29.55 -9.26 10.81
N MET E 53 29.97 -10.44 11.28
CA MET E 53 29.94 -10.75 12.70
C MET E 53 30.84 -9.84 13.53
N ASP E 54 32.03 -9.53 13.06
CA ASP E 54 32.93 -8.63 13.80
C ASP E 54 32.41 -7.19 13.77
N LEU E 55 31.87 -6.75 12.64
CA LEU E 55 31.31 -5.39 12.58
C LEU E 55 30.18 -5.22 13.59
N ILE E 56 29.33 -6.23 13.72
CA ILE E 56 28.32 -6.22 14.76
C ILE E 56 29.00 -6.22 16.13
N GLU E 57 29.96 -7.13 16.31
CA GLU E 57 30.58 -7.32 17.62
C GLU E 57 31.24 -6.05 18.10
N GLN E 58 31.80 -5.26 17.20
CA GLN E 58 32.43 -4.00 17.62
C GLN E 58 31.45 -2.87 17.83
N SER E 59 30.33 -2.94 17.10
CA SER E 59 29.31 -1.89 17.15
C SER E 59 28.44 -1.97 18.39
N VAL E 60 28.33 -3.17 18.92
CA VAL E 60 27.47 -3.47 20.01
C VAL E 60 28.26 -3.72 21.31
N LYS E 61 29.54 -3.34 21.33
CA LYS E 61 30.40 -3.44 22.54
C LYS E 61 29.78 -2.77 23.74
N HIS E 62 29.42 -1.49 23.59
CA HIS E 62 28.78 -0.73 24.68
C HIS E 62 27.44 -1.24 25.24
N LEU E 63 27.01 -2.45 24.87
CA LEU E 63 25.76 -2.99 25.41
C LEU E 63 26.05 -4.40 25.91
N PRO E 64 26.17 -4.56 27.25
CA PRO E 64 26.59 -5.85 27.79
C PRO E 64 25.72 -7.08 27.41
N ASN E 65 24.38 -6.94 27.42
CA ASN E 65 23.49 -8.13 27.28
C ASN E 65 23.30 -8.69 25.85
N VAL E 66 23.91 -8.06 24.86
CA VAL E 66 23.77 -8.48 23.47
C VAL E 66 24.90 -9.39 23.02
N LYS E 67 24.53 -10.58 22.61
CA LYS E 67 25.46 -11.52 22.00
C LYS E 67 25.24 -11.54 20.50
N VAL E 68 26.18 -12.16 19.77
CA VAL E 68 26.12 -12.20 18.31
C VAL E 68 26.39 -13.62 17.80
N HIS E 69 25.37 -14.30 17.31
CA HIS E 69 25.53 -15.68 16.84
C HIS E 69 25.24 -15.85 15.37
N GLN E 70 25.28 -17.10 14.95
CA GLN E 70 25.03 -17.47 13.58
C GLN E 70 24.37 -18.82 13.64
N PHE E 71 23.91 -19.31 12.50
CA PHE E 71 22.99 -20.44 12.44
C PHE E 71 22.63 -20.45 10.95
N SER E 72 22.49 -21.52 10.16
CA SER E 72 22.52 -22.98 10.36
C SER E 72 21.21 -23.48 9.69
N GLY E 73 20.17 -23.68 10.49
CA GLY E 73 18.84 -24.00 9.99
C GLY E 73 17.79 -22.91 10.21
N LEU E 74 16.56 -23.34 10.53
CA LEU E 74 15.43 -22.46 10.68
C LEU E 74 15.57 -21.58 11.93
N LEU E 75 15.26 -20.30 11.80
CA LEU E 75 15.45 -19.37 12.92
C LEU E 75 14.57 -19.75 14.11
N VAL E 76 13.47 -20.39 13.80
CA VAL E 76 12.53 -20.78 14.81
C VAL E 76 13.13 -21.97 15.57
N ASP E 77 13.91 -22.80 14.89
CA ASP E 77 14.72 -23.82 15.58
C ASP E 77 15.75 -23.19 16.55
N TYR E 78 16.48 -22.17 16.12
CA TYR E 78 17.33 -21.46 17.04
C TYR E 78 16.54 -21.04 18.30
N CYS E 79 15.47 -20.26 18.15
CA CYS E 79 14.69 -19.80 19.32
C CYS E 79 14.23 -20.97 20.25
N GLU E 80 13.85 -22.07 19.62
CA GLU E 80 13.53 -23.34 20.27
C GLU E 80 14.73 -23.85 21.13
N GLN E 81 15.84 -24.19 20.48
CA GLN E 81 17.11 -24.60 21.17
C GLN E 81 17.47 -23.83 22.43
N VAL E 82 17.32 -22.51 22.37
CA VAL E 82 18.09 -21.58 23.19
C VAL E 82 17.27 -20.85 24.23
N GLY E 83 15.95 -21.04 24.24
CA GLY E 83 15.11 -20.38 25.23
C GLY E 83 14.49 -19.01 24.89
N ALA E 84 14.39 -18.65 23.62
CA ALA E 84 13.71 -17.38 23.28
C ALA E 84 12.29 -17.63 22.76
N LYS E 85 11.32 -16.96 23.35
CA LYS E 85 9.96 -17.04 22.82
C LYS E 85 9.59 -15.79 21.97
N THR E 86 10.59 -15.00 21.56
CA THR E 86 10.33 -13.70 20.98
C THR E 86 11.40 -13.24 19.96
N ILE E 87 10.93 -12.92 18.75
CA ILE E 87 11.78 -12.42 17.67
C ILE E 87 11.49 -10.95 17.54
N ILE E 88 12.51 -10.12 17.35
CA ILE E 88 12.28 -8.70 17.16
C ILE E 88 12.68 -8.29 15.73
N ARG E 89 11.74 -7.67 15.02
CA ARG E 89 11.97 -7.13 13.64
C ARG E 89 11.53 -5.70 13.56
N GLY E 90 12.28 -4.90 12.83
CA GLY E 90 11.94 -3.51 12.59
C GLY E 90 11.07 -3.30 11.35
N LEU E 91 10.34 -2.18 11.30
CA LEU E 91 9.55 -1.80 10.13
C LEU E 91 9.90 -0.38 9.75
N ARG E 92 10.26 -0.19 8.48
CA ARG E 92 10.50 1.15 7.93
C ARG E 92 9.29 1.63 7.13
N ALA E 93 8.57 0.70 6.49
CA ALA E 93 7.66 1.06 5.39
C ALA E 93 6.76 -0.07 5.04
N VAL E 94 5.74 0.27 4.24
CA VAL E 94 4.69 -0.66 3.81
C VAL E 94 5.33 -1.88 3.18
N SER E 95 6.40 -1.61 2.49
CA SER E 95 7.17 -2.66 1.89
C SER E 95 7.61 -3.73 2.92
N ASP E 96 8.24 -3.27 3.99
CA ASP E 96 8.66 -4.12 5.11
C ASP E 96 7.48 -4.85 5.70
N PHE E 97 6.37 -4.14 5.88
CA PHE E 97 5.17 -4.75 6.46
C PHE E 97 4.76 -5.99 5.71
N GLU E 98 4.67 -5.86 4.40
CA GLU E 98 4.18 -6.95 3.57
C GLU E 98 5.03 -8.20 3.59
N TYR E 99 6.32 -7.98 3.37
CA TYR E 99 7.32 -9.03 3.41
C TYR E 99 7.30 -9.73 4.79
N GLU E 100 7.25 -8.98 5.88
CA GLU E 100 7.25 -9.59 7.22
C GLU E 100 5.97 -10.36 7.52
N LEU E 101 4.82 -9.97 6.96
CA LEU E 101 3.55 -10.64 7.27
C LEU E 101 3.53 -12.07 6.72
N ARG E 102 4.12 -12.23 5.55
CA ARG E 102 4.25 -13.54 4.95
C ARG E 102 5.31 -14.39 5.70
N LEU E 103 6.36 -13.78 6.22
CA LEU E 103 7.34 -14.58 6.94
C LEU E 103 6.77 -15.04 8.29
N THR E 104 6.19 -14.11 9.05
CA THR E 104 5.58 -14.42 10.36
C THR E 104 4.54 -15.50 10.21
N SER E 105 3.78 -15.46 9.12
CA SER E 105 2.69 -16.39 8.91
C SER E 105 3.26 -17.76 8.70
N MET E 106 4.37 -17.84 7.97
CA MET E 106 5.02 -19.11 7.80
C MET E 106 5.66 -19.63 9.09
N ASN E 107 6.39 -18.77 9.79
CA ASN E 107 6.98 -19.13 11.08
C ASN E 107 6.00 -19.58 12.15
N LYS E 108 4.88 -18.90 12.26
CA LYS E 108 3.86 -19.34 13.16
C LYS E 108 3.37 -20.76 12.74
N LYS E 109 3.40 -21.11 11.46
CA LYS E 109 3.10 -22.50 11.10
C LYS E 109 4.23 -23.45 11.52
N LEU E 110 5.47 -23.02 11.40
CA LEU E 110 6.61 -23.86 11.79
C LEU E 110 6.72 -24.06 13.32
N ASN E 111 6.56 -22.99 14.10
CA ASN E 111 6.59 -23.09 15.57
C ASN E 111 5.64 -22.12 16.26
N ASN E 112 4.44 -22.59 16.56
CA ASN E 112 3.41 -21.76 17.14
C ASN E 112 3.77 -21.14 18.45
N GLU E 113 4.84 -21.61 19.10
CA GLU E 113 5.26 -21.08 20.40
C GLU E 113 6.04 -19.80 20.26
N ILE E 114 6.65 -19.55 19.09
CA ILE E 114 7.44 -18.30 18.94
C ILE E 114 6.60 -17.13 18.46
N GLU E 115 6.82 -15.97 19.05
CA GLU E 115 6.15 -14.82 18.59
C GLU E 115 7.19 -13.89 17.98
N THR E 116 6.77 -13.19 16.92
CA THR E 116 7.53 -12.06 16.37
C THR E 116 6.89 -10.73 16.75
N LEU E 117 7.70 -9.76 17.13
CA LEU E 117 7.21 -8.50 17.66
C LEU E 117 7.86 -7.40 16.84
N TYR E 118 7.08 -6.42 16.38
CA TYR E 118 7.61 -5.42 15.47
C TYR E 118 7.74 -4.14 16.20
N MET E 119 8.75 -3.37 15.81
CA MET E 119 8.98 -2.01 16.22
C MET E 119 9.09 -1.18 14.97
N MET E 120 8.53 0.03 15.03
CA MET E 120 8.65 0.98 13.98
C MET E 120 10.00 1.56 14.09
N SER E 121 10.68 1.65 12.96
CA SER E 121 11.91 2.43 12.90
C SER E 121 11.57 3.80 13.41
N SER E 122 12.52 4.42 14.07
CA SER E 122 12.31 5.78 14.47
C SER E 122 12.45 6.67 13.21
N THR E 123 12.14 7.94 13.36
CA THR E 123 11.98 8.84 12.24
C THR E 123 13.27 9.15 11.51
N ASN E 124 14.32 9.46 12.25
CA ASN E 124 15.62 9.76 11.65
C ASN E 124 16.40 8.55 11.10
N TYR E 125 15.88 7.34 11.17
CA TYR E 125 16.59 6.17 10.64
C TYR E 125 15.74 5.31 9.71
N SER E 126 14.54 5.76 9.36
CA SER E 126 13.59 4.91 8.59
C SER E 126 13.91 4.80 7.10
N PHE E 127 14.72 5.72 6.60
CA PHE E 127 15.18 5.67 5.21
C PHE E 127 16.51 4.93 5.11
N ILE E 128 17.04 4.47 6.24
CA ILE E 128 18.33 3.82 6.24
C ILE E 128 18.17 2.37 5.89
N SER E 129 18.96 1.94 4.94
CA SER E 129 19.11 0.56 4.59
C SER E 129 20.60 0.40 4.34
N SER E 130 21.11 -0.83 4.45
CA SER E 130 22.52 -1.05 4.18
C SER E 130 22.80 -0.92 2.67
N SER E 131 21.87 -1.37 1.84
CA SER E 131 21.99 -1.24 0.38
C SER E 131 22.30 0.19 0.00
N ILE E 132 21.54 1.13 0.52
CA ILE E 132 21.70 2.50 0.14
C ILE E 132 22.87 3.24 0.84
N VAL E 133 23.30 2.76 2.01
CA VAL E 133 24.52 3.28 2.63
C VAL E 133 25.75 2.83 1.84
N LYS E 134 25.76 1.56 1.47
CA LYS E 134 26.75 1.00 0.56
C LYS E 134 26.84 1.77 -0.75
N GLU E 135 25.71 2.20 -1.30
CA GLU E 135 25.70 3.01 -2.52
C GLU E 135 26.39 4.34 -2.24
N VAL E 136 25.98 5.01 -1.19
CA VAL E 136 26.58 6.28 -0.89
C VAL E 136 28.08 6.11 -0.63
N ALA E 137 28.49 4.99 -0.07
CA ALA E 137 29.88 4.74 0.21
C ALA E 137 30.67 4.68 -1.08
N ALA E 138 30.13 3.99 -2.09
CA ALA E 138 30.80 3.84 -3.39
C ALA E 138 31.26 5.14 -4.00
N TYR E 139 30.50 6.21 -3.72
CA TYR E 139 30.81 7.55 -4.20
C TYR E 139 31.62 8.33 -3.18
N ARG E 140 32.07 7.64 -2.13
CA ARG E 140 32.94 8.21 -1.11
C ARG E 140 32.36 9.52 -0.54
N ALA E 141 31.08 9.51 -0.20
CA ALA E 141 30.50 10.64 0.53
C ALA E 141 30.52 10.29 2.02
N ASP E 142 30.22 11.29 2.84
CA ASP E 142 30.27 11.10 4.29
C ASP E 142 29.09 10.24 4.78
N ILE E 143 29.41 9.02 5.22
CA ILE E 143 28.44 8.16 5.85
C ILE E 143 28.39 8.20 7.39
N SER E 144 29.13 9.09 8.03
CA SER E 144 29.25 9.09 9.51
C SER E 144 27.90 9.16 10.24
N GLU E 145 26.91 9.70 9.55
CA GLU E 145 25.57 9.82 10.09
C GLU E 145 24.76 8.53 10.00
N PHE E 146 25.25 7.52 9.29
CA PHE E 146 24.42 6.36 8.91
C PHE E 146 24.83 5.07 9.56
N VAL E 147 26.12 4.93 9.82
CA VAL E 147 26.65 3.71 10.39
C VAL E 147 27.69 4.06 11.47
N PRO E 148 27.99 3.12 12.35
CA PRO E 148 28.95 3.48 13.43
C PRO E 148 30.45 3.50 12.97
N PRO E 149 31.34 4.21 13.73
CA PRO E 149 32.80 4.35 13.48
C PRO E 149 33.50 3.15 12.84
N TYR E 150 33.33 1.97 13.41
CA TYR E 150 34.01 0.81 12.91
C TYR E 150 33.57 0.41 11.48
N VAL E 151 32.26 0.26 11.26
CA VAL E 151 31.77 -0.10 9.91
C VAL E 151 32.01 1.05 8.91
N GLU E 152 32.09 2.29 9.39
CA GLU E 152 32.49 3.41 8.54
C GLU E 152 33.85 3.12 7.97
N LYS E 153 34.80 2.77 8.86
CA LYS E 153 36.17 2.49 8.40
C LYS E 153 36.18 1.25 7.50
N ALA E 154 35.33 0.26 7.76
CA ALA E 154 35.27 -0.90 6.90
C ALA E 154 34.69 -0.65 5.50
N LEU E 155 34.05 0.50 5.28
CA LEU E 155 33.42 0.80 3.98
C LEU E 155 34.30 1.76 3.16
N LYS E 156 34.93 2.72 3.83
CA LYS E 156 36.03 3.48 3.20
C LYS E 156 37.06 2.53 2.58
N LYS E 157 37.61 1.65 3.39
CA LYS E 157 38.64 0.72 2.93
C LYS E 157 38.08 -0.28 1.88
N LYS E 158 36.77 -0.51 1.91
CA LYS E 158 36.11 -1.35 0.88
C LYS E 158 35.95 -0.65 -0.43
N PHE E 159 35.61 0.65 -0.38
CA PHE E 159 35.32 1.41 -1.61
C PHE E 159 36.46 2.34 -2.04
N LYS E 160 37.70 1.89 -1.84
CA LYS E 160 38.91 2.55 -2.39
C LYS E 160 40.14 1.61 -2.38
N MET F 1 -25.23 -20.72 -22.19
CA MET F 1 -24.34 -19.86 -23.04
C MET F 1 -23.52 -20.65 -24.07
N GLU F 2 -22.75 -19.92 -24.88
CA GLU F 2 -21.67 -20.51 -25.72
C GLU F 2 -20.60 -21.21 -24.88
N HIS F 3 -19.65 -21.86 -25.56
CA HIS F 3 -18.62 -22.70 -24.92
C HIS F 3 -17.43 -21.85 -24.46
N THR F 4 -17.08 -21.91 -23.17
CA THR F 4 -16.11 -20.97 -22.57
C THR F 4 -14.83 -21.62 -22.12
N ILE F 5 -13.69 -20.99 -22.44
CA ILE F 5 -12.39 -21.42 -22.04
C ILE F 5 -11.68 -20.33 -21.19
N ALA F 6 -11.13 -20.72 -20.04
CA ALA F 6 -10.33 -19.85 -19.22
C ALA F 6 -8.93 -20.39 -19.14
N VAL F 7 -7.95 -19.50 -19.09
CA VAL F 7 -6.57 -19.84 -19.00
C VAL F 7 -6.03 -19.34 -17.65
N ILE F 8 -5.25 -20.15 -16.97
CA ILE F 8 -4.68 -19.81 -15.69
C ILE F 8 -3.19 -20.00 -15.87
N PRO F 9 -2.48 -18.91 -16.16
CA PRO F 9 -1.06 -18.87 -16.47
C PRO F 9 -0.26 -18.77 -15.23
N GLY F 10 0.97 -19.28 -15.24
CA GLY F 10 1.81 -19.34 -14.06
C GLY F 10 3.12 -20.07 -14.29
N SER F 11 4.10 -19.76 -13.45
CA SER F 11 5.33 -20.55 -13.39
C SER F 11 5.10 -21.92 -12.77
N PHE F 12 4.35 -21.96 -11.67
CA PHE F 12 4.05 -23.22 -10.97
C PHE F 12 5.33 -24.03 -10.63
N ASP F 13 6.19 -23.47 -9.81
CA ASP F 13 7.56 -23.93 -9.61
C ASP F 13 7.88 -24.21 -8.14
N PRO F 14 7.17 -25.14 -7.50
CA PRO F 14 6.07 -25.97 -7.93
C PRO F 14 4.68 -25.39 -7.68
N ILE F 15 3.66 -26.10 -8.15
CA ILE F 15 2.29 -25.83 -7.80
C ILE F 15 2.07 -26.09 -6.28
N THR F 16 1.22 -25.30 -5.66
CA THR F 16 0.99 -25.37 -4.21
C THR F 16 -0.50 -25.51 -4.07
N TYR F 17 -0.96 -25.67 -2.84
CA TYR F 17 -2.39 -25.66 -2.56
C TYR F 17 -3.02 -24.28 -2.85
N GLY F 18 -2.19 -23.23 -2.75
CA GLY F 18 -2.58 -21.89 -3.10
C GLY F 18 -3.00 -21.78 -4.55
N HIS F 19 -2.19 -22.34 -5.46
CA HIS F 19 -2.53 -22.33 -6.88
C HIS F 19 -3.77 -23.19 -7.11
N LEU F 20 -3.79 -24.34 -6.48
CA LEU F 20 -4.82 -25.36 -6.74
C LEU F 20 -6.18 -24.88 -6.35
N ASP F 21 -6.26 -24.30 -5.16
CA ASP F 21 -7.46 -23.67 -4.66
C ASP F 21 -8.07 -22.73 -5.71
N ILE F 22 -7.24 -21.91 -6.34
CA ILE F 22 -7.70 -21.08 -7.41
C ILE F 22 -8.25 -21.89 -8.55
N ILE F 23 -7.51 -22.91 -8.94
CA ILE F 23 -7.87 -23.74 -10.09
C ILE F 23 -9.19 -24.38 -9.79
N GLU F 24 -9.33 -24.86 -8.54
CA GLU F 24 -10.54 -25.55 -8.17
C GLU F 24 -11.74 -24.66 -8.12
N ARG F 25 -11.53 -23.42 -7.65
CA ARG F 25 -12.61 -22.46 -7.58
C ARG F 25 -13.06 -22.01 -8.96
N SER F 26 -12.25 -22.26 -9.99
CA SER F 26 -12.60 -21.93 -11.37
C SER F 26 -13.32 -23.03 -12.17
N THR F 27 -13.10 -24.30 -11.82
CA THR F 27 -13.66 -25.46 -12.59
C THR F 27 -15.14 -25.34 -12.84
N ASP F 28 -15.93 -25.04 -11.83
CA ASP F 28 -17.37 -24.89 -12.04
C ASP F 28 -17.86 -23.64 -12.80
N ARG F 29 -17.01 -22.65 -13.08
CA ARG F 29 -17.47 -21.39 -13.73
C ARG F 29 -17.20 -21.34 -15.23
N PHE F 30 -16.36 -22.27 -15.72
CA PHE F 30 -15.99 -22.34 -17.16
C PHE F 30 -16.03 -23.77 -17.70
N ASP F 31 -16.18 -23.89 -19.02
CA ASP F 31 -16.29 -25.20 -19.66
C ASP F 31 -14.94 -25.95 -19.64
N GLU F 32 -13.89 -25.32 -20.21
CA GLU F 32 -12.52 -25.85 -20.15
C GLU F 32 -11.64 -24.87 -19.36
N ILE F 33 -10.72 -25.42 -18.57
CA ILE F 33 -9.65 -24.66 -17.95
C ILE F 33 -8.31 -25.11 -18.50
N HIS F 34 -7.62 -24.23 -19.22
CA HIS F 34 -6.23 -24.48 -19.57
C HIS F 34 -5.28 -23.80 -18.57
N VAL F 35 -4.62 -24.61 -17.76
CA VAL F 35 -3.47 -24.20 -16.96
C VAL F 35 -2.27 -24.17 -17.90
N CYS F 36 -1.72 -22.98 -18.16
CA CYS F 36 -0.63 -22.79 -19.11
C CYS F 36 0.67 -22.29 -18.51
N VAL F 37 1.78 -22.78 -19.08
CA VAL F 37 3.15 -22.47 -18.61
C VAL F 37 4.00 -21.96 -19.77
N LEU F 38 4.93 -21.04 -19.48
CA LEU F 38 5.80 -20.48 -20.54
C LEU F 38 6.96 -21.44 -20.86
N LYS F 39 7.14 -21.66 -22.18
CA LYS F 39 7.96 -22.74 -22.78
C LYS F 39 9.48 -22.57 -22.68
N ASN F 40 10.02 -21.38 -22.96
CA ASN F 40 11.47 -21.13 -22.72
C ASN F 40 11.82 -19.81 -22.03
N SER F 41 10.92 -19.42 -21.12
CA SER F 41 11.30 -18.53 -20.03
C SER F 41 12.79 -18.73 -19.79
N LYS F 42 13.55 -17.64 -19.83
CA LYS F 42 15.03 -17.72 -19.77
C LYS F 42 15.60 -17.45 -18.36
N LYS F 43 14.70 -17.49 -17.37
CA LYS F 43 15.05 -17.25 -15.97
C LYS F 43 14.64 -18.51 -15.21
N GLU F 44 15.51 -19.53 -15.29
CA GLU F 44 15.13 -20.89 -14.92
C GLU F 44 14.93 -21.01 -13.40
N GLY F 45 14.04 -21.94 -13.01
CA GLY F 45 13.72 -22.14 -11.60
C GLY F 45 14.12 -23.52 -11.14
N THR F 46 13.58 -23.95 -10.01
CA THR F 46 14.03 -25.17 -9.37
C THR F 46 13.56 -26.48 -10.05
N PHE F 47 12.52 -26.42 -10.89
CA PHE F 47 12.09 -27.58 -11.67
C PHE F 47 12.01 -27.23 -13.13
N SER F 48 12.30 -28.17 -14.01
CA SER F 48 12.18 -27.88 -15.44
C SER F 48 10.73 -27.86 -15.84
N LEU F 49 10.49 -27.21 -16.96
CA LEU F 49 9.24 -27.29 -17.68
C LEU F 49 8.61 -28.67 -17.65
N GLU F 50 9.40 -29.73 -17.85
CA GLU F 50 8.83 -31.06 -17.92
C GLU F 50 8.32 -31.48 -16.54
N GLU F 51 9.16 -31.30 -15.51
CA GLU F 51 8.76 -31.69 -14.14
C GLU F 51 7.49 -30.91 -13.75
N ARG F 52 7.57 -29.59 -13.84
CA ARG F 52 6.44 -28.73 -13.48
C ARG F 52 5.16 -29.19 -14.16
N MET F 53 5.24 -29.45 -15.46
CA MET F 53 4.10 -29.98 -16.19
C MET F 53 3.58 -31.29 -15.59
N ASP F 54 4.46 -32.25 -15.27
CA ASP F 54 3.99 -33.53 -14.67
C ASP F 54 3.30 -33.28 -13.34
N LEU F 55 3.96 -32.48 -12.51
CA LEU F 55 3.47 -32.16 -11.17
C LEU F 55 2.06 -31.53 -11.21
N ILE F 56 1.80 -30.63 -12.15
CA ILE F 56 0.44 -30.11 -12.29
C ILE F 56 -0.50 -31.24 -12.72
N GLU F 57 -0.19 -31.91 -13.84
CA GLU F 57 -1.08 -32.95 -14.39
C GLU F 57 -1.52 -33.89 -13.27
N GLN F 58 -0.59 -34.38 -12.46
CA GLN F 58 -1.00 -35.25 -11.35
C GLN F 58 -1.88 -34.53 -10.37
N SER F 59 -1.60 -33.25 -10.10
CA SER F 59 -2.35 -32.55 -9.03
C SER F 59 -3.81 -32.22 -9.39
N VAL F 60 -4.09 -32.08 -10.67
CA VAL F 60 -5.43 -31.74 -11.13
C VAL F 60 -6.20 -32.86 -11.82
N LYS F 61 -5.76 -34.12 -11.66
CA LYS F 61 -6.39 -35.22 -12.40
C LYS F 61 -7.85 -35.58 -11.99
N HIS F 62 -8.20 -35.41 -10.72
CA HIS F 62 -9.61 -35.46 -10.30
C HIS F 62 -10.56 -34.41 -10.96
N LEU F 63 -10.02 -33.43 -11.68
CA LEU F 63 -10.81 -32.32 -12.21
C LEU F 63 -10.80 -32.48 -13.69
N PRO F 64 -11.68 -33.32 -14.21
CA PRO F 64 -11.57 -33.72 -15.61
C PRO F 64 -11.47 -32.53 -16.54
N ASN F 65 -12.12 -31.40 -16.18
CA ASN F 65 -12.16 -30.26 -17.08
C ASN F 65 -10.89 -29.41 -17.08
N VAL F 66 -9.84 -29.85 -16.39
CA VAL F 66 -8.58 -29.10 -16.32
C VAL F 66 -7.49 -29.77 -17.13
N LYS F 67 -6.85 -29.00 -18.01
CA LYS F 67 -5.83 -29.51 -18.90
C LYS F 67 -4.58 -28.62 -18.83
N VAL F 68 -3.41 -29.26 -18.87
CA VAL F 68 -2.12 -28.56 -18.79
C VAL F 68 -1.48 -28.38 -20.17
N HIS F 69 -0.99 -27.18 -20.44
CA HIS F 69 -0.35 -26.83 -21.72
C HIS F 69 0.86 -25.92 -21.47
N GLN F 70 1.64 -25.72 -22.54
CA GLN F 70 2.86 -24.90 -22.53
C GLN F 70 2.78 -24.06 -23.77
N PHE F 71 3.27 -22.82 -23.70
CA PHE F 71 3.26 -21.97 -24.90
C PHE F 71 4.50 -21.14 -25.00
N SER F 72 4.86 -20.88 -26.24
CA SER F 72 5.95 -19.99 -26.57
C SER F 72 5.28 -18.87 -27.35
N GLY F 73 5.51 -17.62 -26.94
CA GLY F 73 4.75 -16.50 -27.49
C GLY F 73 3.95 -15.76 -26.44
N LEU F 74 3.13 -14.82 -26.89
CA LEU F 74 2.30 -14.04 -26.00
C LEU F 74 1.16 -14.82 -25.36
N LEU F 75 0.88 -14.50 -24.10
CA LEU F 75 -0.24 -15.14 -23.40
C LEU F 75 -1.54 -14.85 -24.11
N VAL F 76 -1.74 -13.61 -24.56
CA VAL F 76 -2.95 -13.34 -25.35
C VAL F 76 -2.97 -13.95 -26.75
N ASP F 77 -1.83 -14.30 -27.32
CA ASP F 77 -1.87 -14.99 -28.61
C ASP F 77 -2.28 -16.43 -28.40
N TYR F 78 -1.86 -17.03 -27.29
CA TYR F 78 -2.36 -18.36 -26.96
C TYR F 78 -3.89 -18.35 -26.79
N CYS F 79 -4.40 -17.39 -26.03
CA CYS F 79 -5.84 -17.32 -25.79
C CYS F 79 -6.65 -17.22 -27.11
N GLU F 80 -6.12 -16.46 -28.09
CA GLU F 80 -6.76 -16.29 -29.38
C GLU F 80 -6.83 -17.61 -30.19
N GLN F 81 -5.72 -18.34 -30.23
CA GLN F 81 -5.68 -19.63 -30.93
C GLN F 81 -6.73 -20.60 -30.41
N VAL F 82 -6.77 -20.78 -29.08
CA VAL F 82 -7.70 -21.74 -28.47
C VAL F 82 -9.12 -21.21 -28.23
N GLY F 83 -9.33 -19.92 -28.48
CA GLY F 83 -10.63 -19.30 -28.23
C GLY F 83 -10.95 -18.91 -26.79
N ALA F 84 -9.95 -18.84 -25.91
CA ALA F 84 -10.19 -18.43 -24.51
C ALA F 84 -10.41 -16.92 -24.46
N LYS F 85 -11.43 -16.47 -23.73
CA LYS F 85 -11.75 -15.04 -23.61
C LYS F 85 -11.39 -14.51 -22.23
N THR F 86 -10.86 -15.39 -21.38
CA THR F 86 -10.67 -15.11 -20.00
C THR F 86 -9.35 -15.64 -19.54
N ILE F 87 -8.69 -14.85 -18.70
CA ILE F 87 -7.50 -15.20 -18.00
C ILE F 87 -7.84 -15.07 -16.52
N ILE F 88 -7.38 -16.01 -15.70
CA ILE F 88 -7.63 -16.00 -14.28
C ILE F 88 -6.34 -16.02 -13.51
N ARG F 89 -6.25 -15.10 -12.53
CA ARG F 89 -5.14 -14.93 -11.61
C ARG F 89 -5.64 -14.83 -10.20
N GLY F 90 -4.76 -15.06 -9.26
CA GLY F 90 -5.08 -14.99 -7.88
C GLY F 90 -4.25 -13.91 -7.23
N LEU F 91 -4.78 -13.29 -6.18
CA LEU F 91 -4.13 -12.18 -5.47
C LEU F 91 -4.11 -12.56 -4.01
N ARG F 92 -2.96 -12.35 -3.40
CA ARG F 92 -2.72 -12.60 -2.00
C ARG F 92 -2.47 -11.33 -1.17
N ALA F 93 -2.03 -10.26 -1.80
CA ALA F 93 -1.57 -9.10 -1.05
C ALA F 93 -1.45 -7.94 -1.97
N VAL F 94 -1.20 -6.77 -1.39
CA VAL F 94 -1.00 -5.53 -2.15
C VAL F 94 -0.02 -5.58 -3.31
N SER F 95 1.14 -6.18 -3.08
CA SER F 95 2.14 -6.29 -4.15
C SER F 95 1.65 -7.14 -5.33
N ASP F 96 0.83 -8.17 -5.09
CA ASP F 96 0.24 -8.90 -6.23
C ASP F 96 -0.67 -7.95 -7.02
N PHE F 97 -1.45 -7.16 -6.28
CA PHE F 97 -2.41 -6.27 -6.91
C PHE F 97 -1.79 -5.28 -7.87
N GLU F 98 -0.76 -4.61 -7.44
CA GLU F 98 -0.12 -3.60 -8.30
C GLU F 98 0.57 -4.17 -9.52
N TYR F 99 1.35 -5.23 -9.32
CA TYR F 99 1.94 -5.99 -10.39
C TYR F 99 0.90 -6.46 -11.38
N GLU F 100 -0.17 -7.08 -10.92
CA GLU F 100 -1.23 -7.52 -11.86
C GLU F 100 -1.94 -6.35 -12.59
N LEU F 101 -2.09 -5.20 -11.93
CA LEU F 101 -2.73 -4.05 -12.58
C LEU F 101 -1.98 -3.65 -13.85
N ARG F 102 -0.65 -3.68 -13.78
CA ARG F 102 0.19 -3.18 -14.86
C ARG F 102 0.21 -4.21 -15.97
N LEU F 103 0.27 -5.48 -15.61
CA LEU F 103 0.22 -6.54 -16.62
C LEU F 103 -1.08 -6.52 -17.44
N THR F 104 -2.20 -6.38 -16.73
CA THR F 104 -3.48 -6.37 -17.38
C THR F 104 -3.75 -5.10 -18.18
N SER F 105 -3.17 -3.99 -17.76
CA SER F 105 -3.26 -2.81 -18.57
C SER F 105 -2.60 -3.04 -19.92
N MET F 106 -1.42 -3.66 -19.93
CA MET F 106 -0.78 -4.02 -21.18
C MET F 106 -1.58 -5.08 -21.99
N ASN F 107 -1.91 -6.23 -21.39
CA ASN F 107 -2.69 -7.26 -22.07
C ASN F 107 -3.94 -6.69 -22.71
N LYS F 108 -4.56 -5.69 -22.11
CA LYS F 108 -5.74 -5.06 -22.70
C LYS F 108 -5.42 -4.26 -24.00
N LYS F 109 -4.24 -3.66 -24.08
CA LYS F 109 -3.77 -3.07 -25.35
C LYS F 109 -3.38 -4.09 -26.38
N LEU F 110 -2.87 -5.24 -25.96
CA LEU F 110 -2.43 -6.25 -26.93
C LEU F 110 -3.62 -6.97 -27.59
N ASN F 111 -4.73 -7.00 -26.90
CA ASN F 111 -5.94 -7.68 -27.35
C ASN F 111 -7.05 -7.38 -26.38
N ASN F 112 -7.89 -6.42 -26.75
CA ASN F 112 -8.97 -6.01 -25.87
C ASN F 112 -10.15 -6.98 -25.77
N GLU F 113 -10.10 -8.13 -26.45
CA GLU F 113 -11.18 -9.10 -26.35
C GLU F 113 -11.03 -9.96 -25.12
N ILE F 114 -9.83 -10.07 -24.55
CA ILE F 114 -9.63 -10.95 -23.40
C ILE F 114 -9.76 -10.21 -22.08
N GLU F 115 -10.51 -10.80 -21.17
CA GLU F 115 -10.72 -10.27 -19.85
C GLU F 115 -9.88 -11.03 -18.83
N THR F 116 -9.20 -10.31 -17.95
CA THR F 116 -8.51 -10.92 -16.84
C THR F 116 -9.38 -10.77 -15.60
N LEU F 117 -9.80 -11.89 -15.01
CA LEU F 117 -10.55 -11.91 -13.78
C LEU F 117 -9.65 -12.31 -12.62
N TYR F 118 -9.97 -11.85 -11.40
CA TYR F 118 -9.14 -12.06 -10.24
C TYR F 118 -9.92 -12.62 -9.12
N MET F 119 -9.25 -13.46 -8.35
CA MET F 119 -9.81 -14.07 -7.16
C MET F 119 -8.82 -13.87 -6.03
N MET F 120 -9.37 -13.61 -4.86
CA MET F 120 -8.58 -13.45 -3.65
C MET F 120 -8.15 -14.81 -3.14
N SER F 121 -6.92 -14.88 -2.64
CA SER F 121 -6.45 -16.06 -1.94
C SER F 121 -7.38 -16.37 -0.77
N SER F 122 -7.70 -17.64 -0.56
CA SER F 122 -8.40 -18.00 0.67
C SER F 122 -7.45 -17.70 1.80
N THR F 123 -7.99 -17.39 2.96
CA THR F 123 -7.16 -16.99 4.13
C THR F 123 -5.99 -17.93 4.53
N ASN F 124 -6.21 -19.24 4.57
CA ASN F 124 -5.16 -20.17 4.99
C ASN F 124 -4.13 -20.37 3.94
N TYR F 125 -4.39 -19.91 2.72
CA TYR F 125 -3.35 -19.96 1.72
C TYR F 125 -2.75 -18.62 1.39
N SER F 126 -3.12 -17.58 2.14
CA SER F 126 -2.72 -16.18 1.81
C SER F 126 -1.22 -15.95 1.80
N PHE F 127 -0.47 -16.72 2.61
CA PHE F 127 1.00 -16.56 2.81
C PHE F 127 1.87 -17.56 2.04
N ILE F 128 1.24 -18.46 1.31
CA ILE F 128 1.93 -19.42 0.48
C ILE F 128 2.36 -18.85 -0.88
N SER F 129 3.65 -19.01 -1.15
CA SER F 129 4.25 -18.91 -2.46
C SER F 129 5.10 -20.17 -2.67
N SER F 130 5.36 -20.51 -3.94
CA SER F 130 6.34 -21.49 -4.31
C SER F 130 7.67 -21.19 -3.64
N SER F 131 8.11 -19.94 -3.77
CA SER F 131 9.34 -19.49 -3.13
C SER F 131 9.50 -19.98 -1.71
N ILE F 132 8.51 -19.68 -0.87
CA ILE F 132 8.71 -19.85 0.56
C ILE F 132 8.52 -21.31 0.92
N VAL F 133 7.84 -22.07 0.05
CA VAL F 133 7.66 -23.48 0.24
C VAL F 133 8.97 -24.22 -0.06
N LYS F 134 9.79 -23.68 -0.96
CA LYS F 134 11.08 -24.29 -1.27
C LYS F 134 12.10 -24.06 -0.21
N GLU F 135 12.07 -22.88 0.40
CA GLU F 135 13.07 -22.51 1.37
C GLU F 135 12.82 -23.38 2.59
N VAL F 136 11.56 -23.48 2.98
CA VAL F 136 11.15 -24.35 4.05
C VAL F 136 11.48 -25.82 3.72
N ALA F 137 11.30 -26.23 2.46
CA ALA F 137 11.67 -27.59 2.03
C ALA F 137 13.16 -27.84 2.09
N ALA F 138 13.97 -26.85 1.79
CA ALA F 138 15.40 -27.02 1.86
C ALA F 138 15.85 -27.31 3.30
N TYR F 139 15.22 -26.67 4.29
CA TYR F 139 15.50 -26.98 5.71
C TYR F 139 14.79 -28.23 6.25
N ARG F 140 14.16 -28.99 5.35
CA ARG F 140 13.69 -30.33 5.64
C ARG F 140 12.60 -30.30 6.70
N ALA F 141 11.70 -29.32 6.59
CA ALA F 141 10.60 -29.19 7.51
C ALA F 141 9.33 -29.66 6.80
N ASP F 142 8.32 -30.07 7.57
CA ASP F 142 7.12 -30.65 6.96
C ASP F 142 6.36 -29.59 6.15
N ILE F 143 6.07 -29.93 4.90
CA ILE F 143 5.43 -29.02 4.00
C ILE F 143 4.13 -29.60 3.46
N SER F 144 3.63 -30.65 4.08
CA SER F 144 2.51 -31.40 3.51
C SER F 144 1.22 -30.61 3.57
N GLU F 145 1.17 -29.63 4.46
CA GLU F 145 0.02 -28.74 4.56
C GLU F 145 -0.02 -27.68 3.44
N PHE F 146 1.09 -27.49 2.73
CA PHE F 146 1.24 -26.44 1.77
C PHE F 146 1.09 -26.88 0.31
N VAL F 147 1.22 -28.17 0.04
CA VAL F 147 1.27 -28.70 -1.32
C VAL F 147 0.67 -30.11 -1.39
N PRO F 148 0.19 -30.52 -2.57
CA PRO F 148 -0.39 -31.83 -2.57
C PRO F 148 0.72 -32.89 -2.53
N PRO F 149 0.36 -34.15 -2.24
CA PRO F 149 1.35 -35.19 -1.84
C PRO F 149 2.38 -35.51 -2.91
N TYR F 150 1.93 -35.56 -4.16
CA TYR F 150 2.85 -35.78 -5.28
C TYR F 150 3.95 -34.76 -5.29
N VAL F 151 3.60 -33.49 -5.10
CA VAL F 151 4.58 -32.41 -5.06
C VAL F 151 5.41 -32.49 -3.79
N GLU F 152 4.84 -32.92 -2.68
CA GLU F 152 5.64 -33.04 -1.44
C GLU F 152 6.82 -34.02 -1.59
N LYS F 153 6.56 -35.08 -2.36
CA LYS F 153 7.50 -36.17 -2.64
C LYS F 153 8.73 -35.68 -3.42
N ALA F 154 8.46 -34.90 -4.47
CA ALA F 154 9.48 -34.42 -5.38
C ALA F 154 10.42 -33.44 -4.72
N LEU F 155 9.94 -32.57 -3.86
CA LEU F 155 10.93 -31.69 -3.22
C LEU F 155 11.59 -32.32 -1.99
N LYS F 156 11.02 -33.39 -1.42
CA LYS F 156 11.81 -34.22 -0.48
C LYS F 156 13.03 -34.83 -1.18
N LYS F 157 12.79 -35.37 -2.38
CA LYS F 157 13.86 -35.79 -3.32
C LYS F 157 14.81 -34.64 -3.66
N LYS F 158 14.27 -33.49 -4.05
CA LYS F 158 15.10 -32.40 -4.57
C LYS F 158 15.99 -31.77 -3.49
N PHE F 159 15.59 -31.83 -2.23
CA PHE F 159 16.34 -31.16 -1.16
C PHE F 159 16.84 -32.15 -0.07
N LYS F 160 16.98 -33.42 -0.47
CA LYS F 160 17.41 -34.51 0.42
C LYS F 160 18.78 -34.32 1.12
PG AGS G . -6.30 16.20 8.35
S1G AGS G . -7.51 17.69 8.38
O2G AGS G . -5.75 15.99 9.86
O3G AGS G . -7.18 14.88 8.02
PB AGS G . -5.59 17.57 6.27
O1B AGS G . -5.09 18.84 7.16
O2B AGS G . -7.06 17.57 5.97
O3B AGS G . -5.14 16.30 7.19
PA AGS G . -5.02 19.42 4.43
O1A AGS G . -5.28 20.62 5.42
O2A AGS G . -6.09 19.51 3.38
O3A AGS G . -4.94 17.84 4.83
O5' AGS G . -3.52 19.62 3.88
C5' AGS G . -3.46 20.07 2.51
C4' AGS G . -2.20 19.48 1.90
O4' AGS G . -1.21 19.53 2.95
C3' AGS G . -2.44 18.00 1.47
O3' AGS G . -1.87 17.68 0.18
C2' AGS G . -1.75 17.31 2.65
O2' AGS G . -1.40 15.96 2.35
C1' AGS G . -0.56 18.27 2.94
N9 AGS G . 0.05 18.03 4.24
C8 AGS G . -0.64 17.96 5.42
N7 AGS G . 0.15 17.68 6.41
C5 AGS G . 1.40 17.56 5.93
C6 AGS G . 2.64 17.28 6.52
N6 AGS G . 2.70 17.03 7.86
N1 AGS G . 3.71 17.20 5.77
C2 AGS G . 3.65 17.44 4.47
N3 AGS G . 2.51 17.71 3.87
C4 AGS G . 1.37 17.78 4.54
C1 2VJ H . -1.59 3.30 19.90
C2 2VJ H . -2.58 3.67 21.01
C3 2VJ H . -3.36 4.95 20.77
N6 2VJ H . -4.75 7.20 20.36
C7 2VJ H . -3.54 7.25 20.81
C9 2VJ H . -2.91 8.58 21.05
C11 2VJ H . -2.34 8.96 19.67
C12 2VJ H . -1.69 10.34 19.70
C13 2VJ H . -2.68 11.38 20.22
C14 2VJ H . -3.21 10.97 21.59
C15 2VJ H . -3.94 9.64 21.47
C20 2VJ H . -6.56 9.14 24.20
C21 2VJ H . -6.71 7.69 24.54
C22 2VJ H . -6.78 7.36 25.88
C24 2VJ H . -7.03 5.12 25.25
C30 2VJ H . -7.27 7.53 18.66
C33 2VJ H . -8.35 9.36 17.89
C34 2VJ H . -7.00 9.36 17.47
C4 2VJ H . -4.66 4.86 20.33
C5 2VJ H . -5.36 6.04 20.11
N8 2VJ H . -2.84 6.15 21.01
C17 2VJ H . -4.55 9.31 22.83
O18 2VJ H . -3.90 8.93 23.78
N19 2VJ H . -5.88 9.41 22.94
C23 2VJ H . -6.94 6.05 26.26
C25 2VJ H . -6.97 5.42 23.91
C26 2VJ H . -6.82 6.73 23.55
CL7 2VJ H . -7.10 4.15 22.71
CL8 2VJ H . -7.25 3.48 25.67
S29 2VJ H . -7.02 5.99 19.49
N31 2VJ H . -8.47 8.16 18.65
N35 2VJ H . -6.38 8.25 17.95
C36 2VJ H . -9.41 10.35 17.66
O37 2VJ H . -9.19 11.38 17.02
O38 2VJ H . -10.68 10.21 18.15
C1 2VJ I . -5.39 19.09 -5.81
C2 2VJ I . -6.08 20.05 -4.82
C3 2VJ I . -7.54 19.73 -4.61
N6 2VJ I . -10.12 19.19 -4.25
C7 2VJ I . -9.64 19.32 -5.45
C9 2VJ I . -10.54 19.08 -6.64
C11 2VJ I . -10.66 17.56 -6.87
C12 2VJ I . -11.42 17.27 -8.17
C13 2VJ I . -12.84 17.79 -7.94
C14 2VJ I . -12.73 19.33 -7.78
C15 2VJ I . -11.96 19.66 -6.51
C20 2VJ I . -12.62 22.97 -4.91
C21 2VJ I . -11.50 23.42 -3.99
C22 2VJ I . -10.77 22.63 -3.10
C24 2VJ I . -9.58 24.59 -2.41
C30 2VJ I . -9.15 18.39 -0.29
C33 2VJ I . -8.49 17.93 1.83
C34 2VJ I . -7.68 17.24 0.94
C4 2VJ I . -8.02 19.62 -3.32
C5 2VJ I . -9.37 19.31 -3.15
N8 2VJ I . -8.36 19.57 -5.65
C17 2VJ I . -11.92 21.15 -6.33
O18 2VJ I . -11.33 21.91 -7.10
N19 2VJ I . -12.56 21.56 -5.25
C23 2VJ I . -9.77 23.22 -2.29
C25 2VJ I . -10.30 25.36 -3.27
C26 2VJ I . -11.26 24.78 -4.04
CL7 2VJ I . -9.97 27.09 -3.35
CL8 2VJ I . -8.44 25.53 -1.50
S29 2VJ I . -10.17 19.15 -1.58
N31 2VJ I . -9.41 18.64 1.04
N35 2VJ I . -8.12 17.53 -0.31
C36 2VJ I . -8.47 17.96 3.25
O37 2VJ I . -9.30 18.64 3.86
O38 2VJ I . -7.53 17.23 3.92
PG AGS J . -17.65 5.43 -4.63
S1G AGS J . -15.87 5.13 -4.04
O2G AGS J . -18.01 4.82 -6.14
O3G AGS J . -17.82 7.04 -4.51
PB AGS J . -18.63 3.29 -3.50
O1B AGS J . -17.27 2.71 -3.62
O2B AGS J . -19.43 2.82 -2.16
O3B AGS J . -18.63 4.88 -3.47
PA AGS J . -19.96 1.56 -4.98
O1A AGS J . -20.43 0.98 -3.69
O2A AGS J . -21.14 2.02 -5.90
O3A AGS J . -19.36 3.02 -4.86
O5' AGS J . -18.89 0.70 -5.75
C5' AGS J . -19.50 -0.46 -6.30
C4' AGS J . -18.46 -1.42 -6.86
O4' AGS J . -18.11 -0.88 -8.12
C3' AGS J . -17.17 -1.50 -6.02
O3' AGS J . -16.39 -2.68 -6.32
C2' AGS J . -16.44 -0.30 -6.53
O2' AGS J . -15.04 -0.30 -6.13
C1' AGS J . -16.72 -0.54 -8.03
N9 AGS J . -16.42 0.67 -8.79
C8 AGS J . -16.77 1.96 -8.48
N7 AGS J . -16.28 2.77 -9.38
C5 AGS J . -15.55 2.07 -10.29
C6 AGS J . -14.77 2.41 -11.44
N6 AGS J . -14.62 3.71 -11.81
N1 AGS J . -14.15 1.45 -12.14
C2 AGS J . -14.31 0.19 -11.70
N3 AGS J . -15.02 -0.17 -10.60
C4 AGS J . -15.65 0.73 -9.90
C1 2VJ K . -18.37 -7.41 -1.69
C2 2VJ K . -19.91 -7.37 -1.73
C3 2VJ K . -20.33 -6.80 -0.41
N6 2VJ K . -21.04 -5.71 1.92
C7 2VJ K . -20.86 -7.00 1.83
C9 2VJ K . -20.98 -7.89 3.05
C11 2VJ K . -19.64 -7.86 3.76
C12 2VJ K . -19.63 -8.89 4.89
C13 2VJ K . -20.58 -8.37 5.95
C14 2VJ K . -21.96 -8.41 5.32
C15 2VJ K . -22.00 -7.47 4.10
C20 2VJ K . -25.39 -6.40 3.01
C21 2VJ K . -25.37 -5.87 1.62
C22 2VJ K . -24.42 -5.02 1.03
C24 2VJ K . -25.77 -5.06 -0.99
C30 2VJ K . -21.06 -2.81 2.53
C33 2VJ K . -20.42 -2.66 4.60
C34 2VJ K . -21.70 -2.11 4.45
C4 2VJ K . -20.50 -5.43 -0.38
C5 2VJ K . -20.84 -4.92 0.85
N8 2VJ K . -20.49 -7.54 0.68
C17 2VJ K . -23.33 -7.55 3.44
O18 2VJ K . -23.69 -8.56 2.82
N19 2VJ K . -24.07 -6.47 3.58
C23 2VJ K . -24.62 -4.61 -0.29
C25 2VJ K . -26.66 -5.87 -0.36
C26 2VJ K . -26.48 -6.27 0.93
CL7 2VJ K . -28.07 -6.44 -1.18
CL8 2VJ K . -26.19 -4.67 -2.65
S29 2VJ K . -21.01 -3.19 0.85
N31 2VJ K . -20.04 -3.11 3.34
N35 2VJ K . -22.07 -2.21 3.17
C36 2VJ K . -19.61 -2.77 5.75
O37 2VJ K . -18.53 -3.30 5.61
O38 2VJ K . -20.05 -2.29 6.96
PG AGS L . -12.39 -2.09 14.52
S1G AGS L . -11.07 -1.89 13.24
O2G AGS L . -13.81 -2.17 13.75
O3G AGS L . -11.94 -3.37 15.48
PB AGS L . -11.19 -0.41 16.07
O1B AGS L . -11.54 0.81 17.09
O2B AGS L . -10.14 0.01 15.12
O3B AGS L . -12.56 -0.70 15.28
PA AGS L . -9.93 -1.50 18.19
O1A AGS L . -9.60 -0.06 18.35
O2A AGS L . -10.81 -1.91 19.45
O3A AGS L . -10.72 -1.78 16.81
O5' AGS L . -8.64 -2.43 18.07
C5' AGS L . -7.58 -2.11 19.01
C4' AGS L . -6.29 -2.70 18.45
O4' AGS L . -6.57 -4.11 18.18
C3' AGS L . -5.88 -2.00 17.13
O3' AGS L . -4.45 -1.86 16.98
C2' AGS L . -6.50 -2.94 16.09
O2' AGS L . -5.88 -2.78 14.82
C1' AGS L . -6.25 -4.30 16.79
N9 AGS L . -7.07 -5.36 16.22
C8 AGS L . -8.41 -5.28 15.89
N7 AGS L . -8.81 -6.38 15.34
C5 AGS L . -7.76 -7.22 15.23
C6 AGS L . -7.60 -8.51 14.72
N6 AGS L . -8.67 -9.17 14.10
N1 AGS L . -6.40 -9.05 14.76
C2 AGS L . -5.38 -8.38 15.30
N3 AGS L . -5.49 -7.18 15.82
C4 AGS L . -6.65 -6.57 15.80
PG AGS M . 11.66 1.06 -15.55
S1G AGS M . 10.69 2.34 -16.50
O2G AGS M . 11.82 -0.26 -16.46
O3G AGS M . 10.86 0.68 -14.21
PB AGS M . 12.92 2.53 -13.85
O1B AGS M . 14.21 2.64 -13.15
O2B AGS M . 11.84 1.84 -12.88
O3B AGS M . 13.10 1.64 -15.18
PA AGS M . 13.65 4.77 -14.91
O1A AGS M . 14.84 4.88 -13.82
O2A AGS M . 14.13 4.02 -16.09
O3A AGS M . 12.40 4.01 -14.26
O5' AGS M . 13.21 6.26 -15.36
C5' AGS M . 13.32 7.09 -14.20
C4' AGS M . 11.94 7.54 -13.75
O4' AGS M . 10.98 7.39 -14.82
C3' AGS M . 11.42 6.62 -12.62
O3' AGS M . 11.64 7.22 -11.34
C2' AGS M . 9.90 6.50 -12.90
O2' AGS M . 9.15 7.02 -11.81
C1' AGS M . 9.69 7.35 -14.16
N9 AGS M . 8.70 6.73 -15.04
C8 AGS M . 8.82 5.52 -15.68
N7 AGS M . 7.76 5.27 -16.38
C5 AGS M . 6.89 6.30 -16.24
C6 AGS M . 5.60 6.58 -16.74
N6 AGS M . 4.96 5.69 -17.59
N1 AGS M . 5.01 7.72 -16.39
C2 AGS M . 5.62 8.58 -15.59
N3 AGS M . 6.81 8.35 -15.09
C4 AGS M . 7.48 7.24 -15.39
C1 2VJ N . 15.82 10.55 -7.02
C2 2VJ N . 17.04 10.48 -7.94
C3 2VJ N . 17.93 9.32 -7.64
N6 2VJ N . 19.60 7.28 -7.07
C7 2VJ N . 19.57 8.38 -6.37
C9 2VJ N . 20.43 8.60 -5.17
C11 2VJ N . 19.67 8.22 -3.90
C12 2VJ N . 20.56 8.61 -2.71
C13 2VJ N . 21.79 7.71 -2.76
C14 2VJ N . 22.60 8.06 -4.01
C15 2VJ N . 21.79 7.90 -5.30
C20 2VJ N . 23.70 8.46 -8.56
C21 2VJ N . 22.92 8.80 -9.80
C22 2VJ N . 23.39 9.90 -10.52
C24 2VJ N . 21.65 9.57 -12.12
C30 2VJ N . 19.53 4.53 -8.31
C33 2VJ N . 19.96 3.06 -6.71
C34 2VJ N . 20.94 3.00 -7.71
C4 2VJ N . 17.93 8.21 -8.43
C5 2VJ N . 18.77 7.18 -8.10
N8 2VJ N . 18.77 9.37 -6.65
C17 2VJ N . 22.52 8.61 -6.40
O18 2VJ N . 22.64 9.82 -6.34
N19 2VJ N . 22.96 7.89 -7.44
C23 2VJ N . 22.75 10.30 -11.68
C25 2VJ N . 21.15 8.45 -11.43
C26 2VJ N . 21.80 8.08 -10.24
CL7 2VJ N . 19.74 7.53 -12.02
CL8 2VJ N . 20.90 10.13 -13.60
S29 2VJ N . 18.70 5.81 -9.17
N31 2VJ N . 19.08 4.04 -7.13
N35 2VJ N . 20.65 3.91 -8.67
C36 2VJ N . 19.80 2.30 -5.49
O37 2VJ N . 18.81 2.56 -4.80
O38 2VJ N . 20.70 1.36 -5.07
PG AGS O . 18.45 -3.90 4.02
S1G AGS O . 19.30 -3.21 2.50
O2G AGS O . 18.96 -3.39 5.52
O3G AGS O . 16.88 -3.58 3.83
PB AGS O . 17.83 -6.34 4.53
O1B AGS O . 18.41 -7.83 4.46
O2B AGS O . 16.51 -6.32 3.87
O3B AGS O . 18.78 -5.42 3.63
PA AGS O . 18.32 -6.61 7.20
O1A AGS O . 19.84 -6.37 7.56
O2A AGS O . 18.09 -8.05 6.93
O3A AGS O . 17.81 -5.64 5.99
O5' AGS O . 17.55 -5.96 8.44
C5' AGS O . 17.18 -6.86 9.48
C4' AGS O . 15.94 -6.22 10.10
O4' AGS O . 16.24 -4.84 10.50
C3' AGS O . 14.77 -6.19 9.06
O3' AGS O . 13.52 -6.41 9.72
C2' AGS O . 14.83 -4.76 8.54
O2' AGS O . 13.57 -4.35 8.01
C1' AGS O . 15.27 -4.01 9.83
N9 AGS O . 15.87 -2.73 9.51
C8 AGS O . 16.78 -2.46 8.54
N7 AGS O . 17.04 -1.19 8.58
C5 AGS O . 16.30 -0.57 9.52
C6 AGS O . 16.15 0.75 9.97
N6 AGS O . 16.83 1.79 9.36
N1 AGS O . 15.30 0.99 10.95
C2 AGS O . 14.59 -0.02 11.48
N3 AGS O . 14.71 -1.27 11.10
C4 AGS O . 15.55 -1.57 10.13
PG AGS P . 6.17 -17.14 -6.57
S1G AGS P . 5.93 -15.57 -5.58
O2G AGS P . 7.72 -17.56 -6.58
O3G AGS P . 5.60 -16.85 -8.11
PB AGS P . 3.92 -18.37 -6.80
O1B AGS P . 3.16 -19.16 -5.80
O2B AGS P . 3.54 -16.78 -6.90
O3B AGS P . 5.29 -18.33 -5.95
PA AGS P . 3.31 -18.19 -9.75
O1A AGS P . 3.66 -16.81 -9.35
O2A AGS P . 4.00 -18.34 -11.16
O3A AGS P . 3.88 -19.03 -8.40
O5' AGS P . 1.79 -18.39 -10.27
C5' AGS P . 1.12 -17.35 -9.65
C4' AGS P . -0.31 -16.99 -10.06
O4' AGS P . -1.30 -17.58 -9.16
C3' AGS P . -0.37 -15.46 -9.74
O3' AGS P . -1.60 -14.88 -10.19
C2' AGS P . -0.30 -15.57 -8.21
O2' AGS P . -0.67 -14.39 -7.53
C1' AGS P . -1.35 -16.69 -8.00
N9 AGS P . -1.06 -17.27 -6.70
C8 AGS P . 0.16 -17.63 -6.17
N7 AGS P . 0.03 -18.09 -4.96
C5 AGS P . -1.27 -18.02 -4.61
C6 AGS P . -1.96 -18.34 -3.43
N6 AGS P . -1.28 -18.82 -2.34
N1 AGS P . -3.27 -18.15 -3.43
C2 AGS P . -3.91 -17.65 -4.49
N3 AGS P . -3.30 -17.33 -5.63
C4 AGS P . -1.99 -17.49 -5.72
C1 2VJ Q . 10.88 -13.33 10.71
C2 2VJ Q . 12.31 -13.83 10.79
C3 2VJ Q . 12.65 -14.62 9.56
N6 2VJ Q . 13.32 -16.01 7.32
C7 2VJ Q . 12.53 -16.51 8.23
C9 2VJ Q . 11.96 -17.85 7.92
C11 2VJ Q . 10.85 -17.60 6.90
C12 2VJ Q . 10.13 -18.91 6.56
C13 2VJ Q . 11.14 -19.97 6.08
C14 2VJ Q . 12.37 -20.09 6.99
C15 2VJ Q . 13.02 -18.74 7.27
C20 2VJ Q . 16.63 -19.30 8.31
C21 2VJ Q . 17.21 -18.15 9.04
C22 2VJ Q . 18.19 -18.41 9.98
C24 2VJ Q . 18.39 -16.11 10.43
C30 2VJ Q . 14.36 -14.80 4.83
C33 2VJ Q . 14.47 -15.96 2.96
C34 2VJ Q . 13.29 -15.23 2.96
C4 2VJ Q . 13.51 -14.07 8.67
C5 2VJ Q . 13.79 -14.81 7.55
N8 2VJ Q . 12.17 -15.84 9.33
C17 2VJ Q . 14.19 -19.01 8.17
O18 2VJ Q . 14.03 -19.29 9.35
N19 2VJ Q . 15.41 -18.98 7.59
C23 2VJ Q . 18.80 -17.40 10.70
C25 2VJ Q . 17.39 -15.84 9.47
C26 2VJ Q . 16.80 -16.86 8.76
CL7 2VJ Q . 16.83 -14.21 9.11
CL8 2VJ Q . 19.17 -14.86 11.37
S29 2VJ Q . 14.85 -14.12 6.39
N31 2VJ Q . 15.13 -15.66 4.16
N35 2VJ Q . 13.27 -14.54 4.12
C36 2VJ Q . 14.99 -16.87 1.99
O37 2VJ Q . 14.40 -17.12 0.93
O38 2VJ Q . 16.21 -17.47 2.24
C1 2VJ R . -1.40 -12.06 -16.09
C2 2VJ R . -0.94 -12.93 -17.26
C3 2VJ R . 0.46 -12.58 -17.67
N6 2VJ R . 2.94 -11.88 -18.48
C7 2VJ R . 1.88 -11.50 -19.13
C9 2VJ R . 2.06 -10.63 -20.32
C11 2VJ R . 2.09 -9.19 -19.79
C12 2VJ R . 2.23 -8.22 -20.97
C13 2VJ R . 3.53 -8.51 -21.69
C14 2VJ R . 3.56 -9.96 -22.20
C15 2VJ R . 3.35 -10.99 -21.09
C20 2VJ R . 4.34 -14.51 -22.15
C21 2VJ R . 3.68 -15.61 -21.38
C22 2VJ R . 3.28 -16.76 -22.04
C24 2VJ R . 2.49 -17.68 -20.00
C30 2VJ R . 5.48 -11.89 -16.82
C33 2VJ R . 7.46 -10.92 -17.25
C34 2VJ R . 6.48 -9.94 -17.09
C4 2VJ R . 1.56 -13.04 -16.93
C5 2VJ R . 2.81 -12.65 -17.38
N8 2VJ R . 0.65 -11.83 -18.75
C17 2VJ R . 3.21 -12.35 -21.73
O18 2VJ R . 2.20 -12.72 -22.34
N19 2VJ R . 4.26 -13.19 -21.58
C23 2VJ R . 2.67 -17.83 -21.38
C25 2VJ R . 2.90 -16.53 -19.38
C26 2VJ R . 3.51 -15.48 -20.03
CL7 2VJ R . 2.65 -16.40 -17.68
CL8 2VJ R . 1.76 -18.92 -19.03
S29 2VJ R . 4.25 -13.16 -16.52
N31 2VJ R . 6.80 -12.15 -17.08
N35 2VJ R . 5.31 -10.57 -16.83
C36 2VJ R . 8.87 -10.75 -17.53
O37 2VJ R . 9.36 -9.62 -17.64
O38 2VJ R . 9.69 -11.83 -17.65
#